data_1T47
#
_entry.id   1T47
#
_cell.length_a   81.288
_cell.length_b   162.045
_cell.length_c   56.150
_cell.angle_alpha   90.00
_cell.angle_beta   90.00
_cell.angle_gamma   90.00
#
_symmetry.space_group_name_H-M   'P 21 21 2'
#
loop_
_entity.id
_entity.type
_entity.pdbx_description
1 polymer '4-hydroxyphenylpyruvate dioxygenase'
2 non-polymer 'FE (II) ION'
3 non-polymer 2-{HYDROXY[2-NITRO-4-(TRIFLUOROMETHYL)PHENYL]METHYLENE}CYCLOHEXANE-1,3-DIONE
4 water water
#
_entity_poly.entity_id   1
_entity_poly.type   'polypeptide(L)'
_entity_poly.pdbx_seq_one_letter_code
;MTQTTHHTPDTARQADPFPVKGMDAVVFAVGNAKQAAHYYSTAFGMQLVAYSGPENGSRETASYVLTNGSARFVLTSVIK
PATPWGHFLADHVAEHGDGVVDLAIEVPDARAAHAYAIEHGARSVAEPYELKDEHGTVVLAAIATYGKTRHTLVDRTGYD
GPYLPGYVAAAPIVEPPAHRTFQAIDHCVGNVELGRMNEWVGFYNKVMGFTNMKEFVGDDIATEYSALMSKVVADGTLKV
KFPINEPALAKKKSQIDEYLEFYGGAGVQHIALNTGDIVETVRTMRAAGVQFLDTPDSYYDTLGEWVGDTRVPVDTLREL
KILADRDEDGYLLQIFTKPVQDRPTVFFEIIERHGSMGFGKGNFKALFEAIEREQEKRGNL
;
_entity_poly.pdbx_strand_id   A,B
#
loop_
_chem_comp.id
_chem_comp.type
_chem_comp.name
_chem_comp.formula
FE2 non-polymer 'FE (II) ION' 'Fe 2'
NTD non-polymer 2-{HYDROXY[2-NITRO-4-(TRIFLUOROMETHYL)PHENYL]METHYLENE}CYCLOHEXANE-1,3-DIONE 'C14 H10 F3 N O5'
#
# COMPACT_ATOMS: atom_id res chain seq x y z
N ASP A 16 -14.11 -30.32 -21.82
CA ASP A 16 -13.25 -31.29 -22.58
C ASP A 16 -12.48 -30.64 -23.73
N PRO A 17 -13.15 -29.87 -24.59
CA PRO A 17 -12.43 -29.22 -25.70
C PRO A 17 -11.63 -28.02 -25.22
N PHE A 18 -11.88 -27.63 -23.97
CA PHE A 18 -11.18 -26.50 -23.34
C PHE A 18 -11.01 -26.84 -21.86
N PRO A 19 -10.17 -27.85 -21.55
CA PRO A 19 -9.93 -28.25 -20.16
C PRO A 19 -9.19 -27.21 -19.32
N VAL A 20 -9.65 -27.02 -18.08
CA VAL A 20 -9.04 -26.07 -17.17
C VAL A 20 -8.69 -26.73 -15.84
N LYS A 21 -7.49 -26.45 -15.35
CA LYS A 21 -6.99 -27.03 -14.10
C LYS A 21 -7.41 -26.23 -12.88
N GLY A 22 -7.67 -24.94 -13.07
CA GLY A 22 -8.05 -24.06 -11.98
C GLY A 22 -7.51 -22.66 -12.23
N MET A 23 -7.52 -21.82 -11.20
CA MET A 23 -6.99 -20.46 -11.31
C MET A 23 -5.49 -20.52 -11.11
N ASP A 24 -4.73 -20.07 -12.08
CA ASP A 24 -3.28 -20.08 -11.95
C ASP A 24 -2.80 -18.96 -11.05
N ALA A 25 -3.46 -17.81 -11.15
CA ALA A 25 -3.12 -16.63 -10.36
C ALA A 25 -4.03 -15.48 -10.73
N VAL A 26 -4.16 -14.50 -9.84
CA VAL A 26 -4.94 -13.31 -10.13
C VAL A 26 -3.94 -12.17 -9.95
N VAL A 27 -3.54 -11.63 -11.09
CA VAL A 27 -2.56 -10.56 -11.16
C VAL A 27 -3.19 -9.18 -10.96
N PHE A 28 -2.71 -8.47 -9.94
CA PHE A 28 -3.17 -7.13 -9.60
C PHE A 28 -2.15 -6.11 -10.09
N ALA A 29 -2.63 -5.01 -10.65
CA ALA A 29 -1.76 -3.93 -11.08
C ALA A 29 -1.93 -2.91 -9.96
N VAL A 30 -0.84 -2.65 -9.22
CA VAL A 30 -0.88 -1.72 -8.09
C VAL A 30 0.10 -0.56 -8.20
N GLY A 31 -0.08 0.46 -7.36
CA GLY A 31 0.78 1.61 -7.38
C GLY A 31 2.02 1.42 -6.52
N ASN A 32 1.94 0.52 -5.56
CA ASN A 32 3.06 0.23 -4.65
C ASN A 32 3.07 -1.25 -4.27
N ALA A 33 3.79 -2.06 -5.06
CA ALA A 33 3.90 -3.50 -4.82
C ALA A 33 4.54 -3.88 -3.49
N LYS A 34 5.46 -3.05 -3.01
CA LYS A 34 6.16 -3.29 -1.75
C LYS A 34 5.14 -3.33 -0.63
N GLN A 35 4.40 -2.23 -0.49
CA GLN A 35 3.39 -2.10 0.54
C GLN A 35 2.18 -3.00 0.34
N ALA A 36 1.87 -3.34 -0.92
CA ALA A 36 0.75 -4.23 -1.22
C ALA A 36 1.09 -5.66 -0.78
N ALA A 37 2.35 -6.05 -0.97
CA ALA A 37 2.79 -7.39 -0.57
C ALA A 37 2.78 -7.50 0.94
N HIS A 38 3.12 -6.41 1.61
CA HIS A 38 3.14 -6.37 3.07
C HIS A 38 1.69 -6.46 3.56
N TYR A 39 0.80 -5.73 2.89
CA TYR A 39 -0.61 -5.75 3.26
C TYR A 39 -1.19 -7.14 3.17
N TYR A 40 -0.96 -7.82 2.06
CA TYR A 40 -1.47 -9.16 1.88
C TYR A 40 -0.78 -10.20 2.73
N SER A 41 0.49 -9.95 3.09
CA SER A 41 1.23 -10.87 3.95
C SER A 41 0.67 -10.77 5.35
N THR A 42 0.54 -9.55 5.84
CA THR A 42 0.06 -9.31 7.19
C THR A 42 -1.45 -9.35 7.40
N ALA A 43 -2.18 -8.44 6.78
CA ALA A 43 -3.63 -8.40 6.93
C ALA A 43 -4.33 -9.66 6.44
N PHE A 44 -3.94 -10.15 5.27
CA PHE A 44 -4.54 -11.36 4.70
C PHE A 44 -3.87 -12.68 5.06
N GLY A 45 -2.68 -12.61 5.67
CA GLY A 45 -1.97 -13.81 6.09
C GLY A 45 -1.31 -14.68 5.03
N MET A 46 -1.07 -14.12 3.85
CA MET A 46 -0.44 -14.88 2.77
C MET A 46 1.08 -14.83 2.89
N GLN A 47 1.77 -15.71 2.16
CA GLN A 47 3.23 -15.72 2.20
C GLN A 47 3.84 -15.44 0.85
N LEU A 48 4.87 -14.61 0.85
CA LEU A 48 5.60 -14.24 -0.35
C LEU A 48 6.46 -15.45 -0.71
N VAL A 49 6.39 -15.90 -1.95
CA VAL A 49 7.19 -17.06 -2.36
C VAL A 49 8.13 -16.77 -3.52
N ALA A 50 7.77 -15.82 -4.37
CA ALA A 50 8.59 -15.47 -5.51
C ALA A 50 8.61 -13.97 -5.74
N TYR A 51 9.65 -13.50 -6.43
CA TYR A 51 9.81 -12.08 -6.69
C TYR A 51 10.58 -11.85 -7.97
N SER A 52 10.29 -10.73 -8.62
CA SER A 52 10.95 -10.31 -9.85
C SER A 52 11.00 -8.78 -9.86
N GLY A 53 12.19 -8.24 -9.76
CA GLY A 53 12.34 -6.79 -9.79
C GLY A 53 13.75 -6.41 -10.18
N PRO A 54 14.17 -5.15 -9.96
CA PRO A 54 15.51 -4.64 -10.29
C PRO A 54 16.66 -5.46 -9.71
N GLU A 55 16.48 -5.93 -8.48
CA GLU A 55 17.48 -6.73 -7.76
C GLU A 55 17.92 -7.99 -8.49
N ASN A 56 17.07 -8.49 -9.37
CA ASN A 56 17.41 -9.70 -10.14
C ASN A 56 17.48 -9.46 -11.64
N GLY A 57 17.68 -8.22 -12.04
CA GLY A 57 17.79 -7.92 -13.45
C GLY A 57 16.54 -7.50 -14.18
N SER A 58 15.40 -7.44 -13.48
CA SER A 58 14.14 -7.01 -14.10
C SER A 58 13.90 -5.55 -13.72
N ARG A 59 14.50 -4.64 -14.49
CA ARG A 59 14.46 -3.20 -14.25
C ARG A 59 13.15 -2.41 -14.31
N GLU A 60 12.22 -2.80 -15.17
CA GLU A 60 10.97 -2.05 -15.34
C GLU A 60 9.88 -2.20 -14.29
N THR A 61 9.72 -3.41 -13.75
CA THR A 61 8.67 -3.63 -12.76
C THR A 61 9.15 -4.46 -11.59
N ALA A 62 8.43 -4.33 -10.48
CA ALA A 62 8.71 -5.10 -9.27
C ALA A 62 7.45 -5.96 -9.14
N SER A 63 7.62 -7.27 -9.05
CA SER A 63 6.48 -8.17 -8.96
C SER A 63 6.62 -9.18 -7.82
N TYR A 64 5.63 -9.18 -6.94
CA TYR A 64 5.59 -10.09 -5.79
C TYR A 64 4.55 -11.19 -5.94
N VAL A 65 4.94 -12.42 -5.62
CA VAL A 65 4.03 -13.55 -5.73
C VAL A 65 3.64 -14.01 -4.33
N LEU A 66 2.37 -13.90 -4.01
CA LEU A 66 1.88 -14.32 -2.71
C LEU A 66 1.02 -15.55 -2.82
N THR A 67 1.15 -16.43 -1.84
CA THR A 67 0.44 -17.67 -1.84
C THR A 67 -0.24 -18.03 -0.52
N ASN A 68 -1.28 -18.85 -0.62
CA ASN A 68 -2.02 -19.33 0.54
C ASN A 68 -2.79 -20.54 0.03
N GLY A 69 -2.22 -21.72 0.26
CA GLY A 69 -2.83 -22.95 -0.21
C GLY A 69 -2.62 -22.89 -1.71
N SER A 70 -3.68 -23.13 -2.48
CA SER A 70 -3.59 -23.08 -3.93
C SER A 70 -3.89 -21.68 -4.46
N ALA A 71 -4.29 -20.76 -3.58
CA ALA A 71 -4.59 -19.38 -3.97
C ALA A 71 -3.30 -18.60 -4.16
N ARG A 72 -3.18 -17.90 -5.28
CA ARG A 72 -1.99 -17.14 -5.61
C ARG A 72 -2.26 -15.74 -6.17
N PHE A 73 -1.72 -14.72 -5.52
CA PHE A 73 -1.87 -13.33 -5.97
C PHE A 73 -0.50 -12.81 -6.40
N VAL A 74 -0.49 -12.10 -7.52
CA VAL A 74 0.73 -11.50 -8.05
C VAL A 74 0.48 -10.00 -8.03
N LEU A 75 1.28 -9.27 -7.26
CA LEU A 75 1.15 -7.82 -7.14
C LEU A 75 2.28 -7.20 -7.95
N THR A 76 1.92 -6.59 -9.08
CA THR A 76 2.90 -5.97 -9.96
C THR A 76 2.78 -4.45 -10.03
N SER A 77 3.94 -3.78 -10.00
CA SER A 77 4.01 -2.33 -10.04
C SER A 77 5.13 -1.89 -10.98
N VAL A 78 4.85 -0.93 -11.86
CA VAL A 78 5.86 -0.42 -12.79
C VAL A 78 6.67 0.70 -12.13
N ILE A 79 7.98 0.57 -12.19
CA ILE A 79 8.94 1.54 -11.62
C ILE A 79 9.11 2.75 -12.53
N LYS A 80 9.39 2.47 -13.79
CA LYS A 80 9.57 3.48 -14.83
C LYS A 80 9.18 2.73 -16.10
N PRO A 81 8.02 3.08 -16.69
CA PRO A 81 7.52 2.43 -17.92
C PRO A 81 8.43 2.57 -19.14
N ALA A 82 8.66 1.46 -19.83
CA ALA A 82 9.53 1.41 -21.01
C ALA A 82 9.01 0.50 -22.12
N THR A 83 8.04 -0.35 -21.81
CA THR A 83 7.46 -1.25 -22.79
C THR A 83 5.96 -1.05 -22.85
N PRO A 84 5.27 -1.71 -23.80
CA PRO A 84 3.82 -1.59 -23.94
C PRO A 84 3.14 -2.06 -22.65
N TRP A 85 3.68 -3.13 -22.07
CA TRP A 85 3.17 -3.72 -20.84
C TRP A 85 3.37 -2.77 -19.65
N GLY A 86 4.54 -2.14 -19.58
CA GLY A 86 4.83 -1.22 -18.49
C GLY A 86 3.96 0.00 -18.55
N HIS A 87 3.78 0.55 -19.74
CA HIS A 87 2.95 1.72 -19.93
C HIS A 87 1.49 1.40 -19.62
N PHE A 88 1.09 0.16 -19.93
CA PHE A 88 -0.27 -0.29 -19.67
C PHE A 88 -0.51 -0.35 -18.16
N LEU A 89 0.44 -0.90 -17.43
CA LEU A 89 0.34 -1.01 -15.97
C LEU A 89 0.18 0.36 -15.32
N ALA A 90 1.08 1.28 -15.69
CA ALA A 90 1.06 2.64 -15.15
C ALA A 90 -0.26 3.35 -15.42
N ASP A 91 -0.76 3.23 -16.64
CA ASP A 91 -2.02 3.84 -17.04
C ASP A 91 -3.20 3.25 -16.32
N HIS A 92 -3.20 1.92 -16.22
CA HIS A 92 -4.27 1.19 -15.56
C HIS A 92 -4.41 1.59 -14.09
N VAL A 93 -3.28 1.77 -13.41
CA VAL A 93 -3.28 2.15 -12.00
C VAL A 93 -3.80 3.58 -11.76
N ALA A 94 -3.42 4.49 -12.64
CA ALA A 94 -3.84 5.89 -12.53
C ALA A 94 -5.32 6.08 -12.84
N GLU A 95 -5.82 5.30 -13.81
CA GLU A 95 -7.19 5.36 -14.28
C GLU A 95 -8.21 4.55 -13.47
N HIS A 96 -7.80 3.42 -12.92
CA HIS A 96 -8.72 2.57 -12.18
C HIS A 96 -8.38 2.36 -10.71
N GLY A 97 -7.19 2.76 -10.28
CA GLY A 97 -6.79 2.52 -8.91
C GLY A 97 -6.32 1.08 -8.85
N ASP A 98 -5.86 0.61 -7.71
CA ASP A 98 -5.38 -0.77 -7.61
C ASP A 98 -6.47 -1.77 -8.03
N GLY A 99 -6.10 -2.74 -8.85
CA GLY A 99 -7.08 -3.71 -9.28
C GLY A 99 -6.53 -4.86 -10.10
N VAL A 100 -7.40 -5.83 -10.36
CA VAL A 100 -7.05 -7.02 -11.12
C VAL A 100 -6.95 -6.73 -12.62
N VAL A 101 -5.87 -7.19 -13.24
CA VAL A 101 -5.68 -7.02 -14.67
C VAL A 101 -5.55 -8.36 -15.37
N ASP A 102 -5.53 -9.45 -14.59
CA ASP A 102 -5.40 -10.79 -15.17
C ASP A 102 -5.92 -11.93 -14.30
N LEU A 103 -6.93 -12.63 -14.82
CA LEU A 103 -7.48 -13.80 -14.13
C LEU A 103 -6.86 -14.95 -14.91
N ALA A 104 -5.64 -15.33 -14.51
CA ALA A 104 -4.89 -16.39 -15.16
C ALA A 104 -5.44 -17.78 -14.86
N ILE A 105 -5.62 -18.55 -15.92
CA ILE A 105 -6.15 -19.91 -15.83
C ILE A 105 -5.08 -20.94 -16.22
N GLU A 106 -4.91 -21.98 -15.40
CA GLU A 106 -3.94 -23.03 -15.72
C GLU A 106 -4.63 -24.01 -16.67
N VAL A 107 -3.93 -24.38 -17.73
CA VAL A 107 -4.46 -25.30 -18.74
C VAL A 107 -3.44 -26.40 -19.07
N PRO A 108 -3.88 -27.51 -19.65
CA PRO A 108 -2.90 -28.55 -19.98
C PRO A 108 -2.14 -28.27 -21.29
N ASP A 109 -2.65 -27.33 -22.08
CA ASP A 109 -2.04 -26.93 -23.36
C ASP A 109 -2.44 -25.49 -23.69
N ALA A 110 -1.51 -24.56 -23.51
CA ALA A 110 -1.76 -23.13 -23.77
C ALA A 110 -1.95 -22.78 -25.24
N ARG A 111 -1.41 -23.60 -26.14
CA ARG A 111 -1.54 -23.38 -27.57
C ARG A 111 -2.91 -23.85 -28.05
N ALA A 112 -3.34 -25.00 -27.55
CA ALA A 112 -4.64 -25.56 -27.90
C ALA A 112 -5.74 -24.63 -27.41
N ALA A 113 -5.61 -24.17 -26.17
CA ALA A 113 -6.59 -23.27 -25.56
C ALA A 113 -6.69 -21.92 -26.26
N HIS A 114 -5.54 -21.34 -26.63
CA HIS A 114 -5.52 -20.05 -27.31
C HIS A 114 -6.14 -20.13 -28.70
N ALA A 115 -5.89 -21.24 -29.42
CA ALA A 115 -6.44 -21.42 -30.76
C ALA A 115 -7.94 -21.64 -30.68
N TYR A 116 -8.36 -22.41 -29.68
CA TYR A 116 -9.78 -22.70 -29.46
C TYR A 116 -10.56 -21.44 -29.11
N ALA A 117 -9.99 -20.61 -28.25
CA ALA A 117 -10.64 -19.36 -27.84
C ALA A 117 -10.77 -18.42 -29.03
N ILE A 118 -9.69 -18.27 -29.80
CA ILE A 118 -9.69 -17.38 -30.96
C ILE A 118 -10.60 -17.89 -32.09
N GLU A 119 -10.74 -19.21 -32.21
CA GLU A 119 -11.60 -19.79 -33.25
C GLU A 119 -13.05 -19.52 -32.87
N HIS A 120 -13.34 -19.54 -31.57
CA HIS A 120 -14.70 -19.30 -31.10
C HIS A 120 -15.04 -17.85 -30.77
N GLY A 121 -14.27 -16.92 -31.34
CA GLY A 121 -14.54 -15.50 -31.13
C GLY A 121 -13.64 -14.58 -30.34
N ALA A 122 -12.89 -15.10 -29.38
CA ALA A 122 -12.01 -14.29 -28.53
C ALA A 122 -10.95 -13.42 -29.22
N ARG A 123 -10.61 -12.32 -28.57
CA ARG A 123 -9.60 -11.38 -29.08
C ARG A 123 -8.25 -11.71 -28.45
N SER A 124 -7.28 -12.07 -29.29
CA SER A 124 -5.95 -12.41 -28.80
C SER A 124 -5.25 -11.20 -28.22
N VAL A 125 -4.64 -11.40 -27.07
CA VAL A 125 -3.91 -10.34 -26.37
C VAL A 125 -2.42 -10.65 -26.35
N ALA A 126 -2.09 -11.91 -26.54
CA ALA A 126 -0.71 -12.38 -26.58
C ALA A 126 -0.73 -13.76 -27.22
N GLU A 127 0.05 -13.91 -28.29
CA GLU A 127 0.14 -15.17 -29.00
C GLU A 127 0.96 -16.12 -28.14
N PRO A 128 0.75 -17.44 -28.28
CA PRO A 128 1.49 -18.42 -27.50
C PRO A 128 3.01 -18.21 -27.59
N TYR A 129 3.65 -18.10 -26.44
CA TYR A 129 5.10 -17.93 -26.38
C TYR A 129 5.64 -18.77 -25.23
N GLU A 130 6.94 -18.99 -25.22
CA GLU A 130 7.54 -19.81 -24.16
C GLU A 130 8.57 -19.07 -23.34
N LEU A 131 8.59 -19.38 -22.05
CA LEU A 131 9.55 -18.81 -21.13
C LEU A 131 10.29 -20.00 -20.58
N LYS A 132 11.62 -19.91 -20.52
CA LYS A 132 12.42 -21.00 -20.03
C LYS A 132 13.57 -20.55 -19.14
N ASP A 133 13.86 -21.36 -18.12
CA ASP A 133 14.96 -21.12 -17.19
C ASP A 133 15.39 -22.43 -16.53
N GLU A 134 16.27 -22.34 -15.52
CA GLU A 134 16.76 -23.51 -14.81
C GLU A 134 15.68 -24.46 -14.27
N HIS A 135 14.49 -23.93 -14.05
CA HIS A 135 13.39 -24.73 -13.50
C HIS A 135 12.42 -25.30 -14.53
N GLY A 136 12.68 -25.06 -15.81
CA GLY A 136 11.80 -25.61 -16.81
C GLY A 136 11.22 -24.62 -17.79
N THR A 137 10.20 -25.09 -18.51
CA THR A 137 9.52 -24.28 -19.52
C THR A 137 8.04 -24.09 -19.23
N VAL A 138 7.54 -22.91 -19.58
CA VAL A 138 6.14 -22.57 -19.41
C VAL A 138 5.67 -21.98 -20.74
N VAL A 139 4.50 -22.40 -21.20
CA VAL A 139 3.94 -21.86 -22.43
C VAL A 139 2.81 -20.94 -21.98
N LEU A 140 2.86 -19.70 -22.45
CA LEU A 140 1.84 -18.72 -22.10
C LEU A 140 1.13 -18.22 -23.34
N ALA A 141 -0.13 -17.84 -23.16
CA ALA A 141 -0.99 -17.30 -24.21
C ALA A 141 -1.93 -16.35 -23.48
N ALA A 142 -2.67 -15.50 -24.20
CA ALA A 142 -3.58 -14.58 -23.52
C ALA A 142 -4.69 -13.99 -24.38
N ILE A 143 -5.89 -13.92 -23.79
CA ILE A 143 -7.06 -13.35 -24.48
C ILE A 143 -7.68 -12.26 -23.61
N ALA A 144 -8.55 -11.45 -24.22
CA ALA A 144 -9.21 -10.37 -23.51
C ALA A 144 -10.58 -10.76 -23.00
N THR A 145 -10.95 -10.24 -21.84
CA THR A 145 -12.29 -10.46 -21.29
C THR A 145 -12.87 -9.06 -21.06
N TYR A 146 -13.87 -8.93 -20.19
CA TYR A 146 -14.50 -7.62 -19.95
C TYR A 146 -13.53 -6.53 -19.55
N GLY A 147 -13.91 -5.30 -19.82
CA GLY A 147 -13.09 -4.15 -19.50
C GLY A 147 -11.67 -4.27 -19.99
N LYS A 148 -10.72 -4.06 -19.08
CA LYS A 148 -9.30 -4.13 -19.41
C LYS A 148 -8.66 -5.41 -18.88
N THR A 149 -9.49 -6.39 -18.53
CA THR A 149 -9.00 -7.67 -17.99
C THR A 149 -8.68 -8.68 -19.08
N ARG A 150 -7.69 -9.52 -18.79
CA ARG A 150 -7.27 -10.58 -19.71
C ARG A 150 -7.25 -11.90 -18.95
N HIS A 151 -7.10 -12.98 -19.69
CA HIS A 151 -7.02 -14.31 -19.12
C HIS A 151 -5.75 -14.90 -19.72
N THR A 152 -4.73 -15.08 -18.89
CA THR A 152 -3.51 -15.68 -19.38
C THR A 152 -3.78 -17.17 -19.25
N LEU A 153 -3.53 -17.89 -20.33
CA LEU A 153 -3.73 -19.34 -20.35
C LEU A 153 -2.34 -19.87 -20.08
N VAL A 154 -2.19 -20.52 -18.93
CA VAL A 154 -0.90 -21.01 -18.50
C VAL A 154 -0.70 -22.52 -18.49
N ASP A 155 0.33 -22.96 -19.20
CA ASP A 155 0.71 -24.37 -19.25
C ASP A 155 2.08 -24.45 -18.58
N ARG A 156 2.08 -24.82 -17.31
CA ARG A 156 3.29 -24.95 -16.52
C ARG A 156 3.59 -26.42 -16.21
N THR A 157 3.06 -27.32 -17.04
CA THR A 157 3.25 -28.76 -16.86
C THR A 157 4.73 -29.15 -16.83
N GLY A 158 5.56 -28.38 -17.52
CA GLY A 158 6.99 -28.65 -17.57
C GLY A 158 7.85 -27.64 -16.83
N TYR A 159 7.33 -27.09 -15.74
CA TYR A 159 8.04 -26.11 -14.93
C TYR A 159 7.83 -26.45 -13.45
N ASP A 160 8.87 -26.30 -12.63
CA ASP A 160 8.75 -26.59 -11.20
C ASP A 160 9.42 -25.56 -10.28
N GLY A 161 9.58 -24.34 -10.78
CA GLY A 161 10.18 -23.28 -10.00
C GLY A 161 9.18 -22.49 -9.16
N PRO A 162 9.58 -21.34 -8.61
CA PRO A 162 8.81 -20.40 -7.76
C PRO A 162 7.48 -19.84 -8.29
N TYR A 163 7.41 -19.51 -9.58
CA TYR A 163 6.18 -18.99 -10.18
C TYR A 163 6.25 -19.07 -11.70
N LEU A 164 7.16 -18.32 -12.30
CA LEU A 164 7.36 -18.31 -13.75
C LEU A 164 8.81 -17.96 -14.04
N PRO A 165 9.37 -18.45 -15.16
CA PRO A 165 10.76 -18.13 -15.49
C PRO A 165 10.98 -16.63 -15.37
N GLY A 166 12.02 -16.24 -14.64
CA GLY A 166 12.29 -14.83 -14.45
C GLY A 166 12.05 -14.42 -13.01
N TYR A 167 11.31 -15.26 -12.29
CA TYR A 167 11.02 -15.00 -10.89
C TYR A 167 11.98 -15.80 -10.03
N VAL A 168 12.41 -15.24 -8.91
CA VAL A 168 13.31 -15.97 -8.03
C VAL A 168 12.62 -16.21 -6.68
N ALA A 169 13.03 -17.26 -5.97
CA ALA A 169 12.43 -17.58 -4.69
C ALA A 169 12.59 -16.44 -3.70
N ALA A 170 11.59 -16.25 -2.86
CA ALA A 170 11.62 -15.20 -1.86
C ALA A 170 11.15 -15.75 -0.52
N ALA A 171 11.64 -15.16 0.57
CA ALA A 171 11.27 -15.57 1.92
C ALA A 171 10.09 -14.73 2.36
N PRO A 172 9.31 -15.24 3.34
CA PRO A 172 8.16 -14.49 3.84
C PRO A 172 8.54 -13.17 4.46
N ILE A 173 7.76 -12.13 4.16
CA ILE A 173 7.99 -10.80 4.69
C ILE A 173 7.97 -10.85 6.23
N VAL A 174 7.01 -11.61 6.76
CA VAL A 174 6.85 -11.81 8.21
C VAL A 174 6.50 -13.28 8.45
N GLU A 175 6.52 -13.69 9.71
CA GLU A 175 6.18 -15.04 10.10
C GLU A 175 4.67 -15.22 9.87
N PRO A 176 4.27 -16.32 9.23
CA PRO A 176 2.87 -16.65 8.92
C PRO A 176 2.03 -16.89 10.18
N PRO A 177 0.70 -16.70 10.08
CA PRO A 177 -0.20 -16.91 11.22
C PRO A 177 -0.27 -18.39 11.61
N ALA A 178 -0.67 -18.66 12.85
CA ALA A 178 -0.77 -20.03 13.36
C ALA A 178 -1.75 -20.89 12.59
N HIS A 179 -2.85 -20.27 12.13
CA HIS A 179 -3.86 -20.97 11.34
C HIS A 179 -3.91 -20.30 9.97
N ARG A 180 -3.76 -21.11 8.93
CA ARG A 180 -3.79 -20.67 7.54
C ARG A 180 -5.14 -19.99 7.27
N THR A 181 -5.09 -18.68 6.97
CA THR A 181 -6.30 -17.88 6.71
C THR A 181 -7.24 -18.39 5.61
N PHE A 182 -6.67 -18.83 4.50
CA PHE A 182 -7.44 -19.41 3.40
C PHE A 182 -6.56 -20.35 2.60
N GLN A 183 -7.16 -21.14 1.72
CA GLN A 183 -6.39 -22.16 1.00
C GLN A 183 -6.66 -22.31 -0.50
N ALA A 184 -7.61 -21.54 -1.03
CA ALA A 184 -7.95 -21.62 -2.45
C ALA A 184 -8.89 -20.48 -2.89
N ILE A 185 -8.99 -20.31 -4.20
CA ILE A 185 -9.86 -19.30 -4.80
C ILE A 185 -11.15 -20.01 -5.18
N ASP A 186 -12.25 -19.65 -4.51
CA ASP A 186 -13.54 -20.27 -4.78
C ASP A 186 -14.14 -19.73 -6.09
N HIS A 187 -14.11 -18.42 -6.27
CA HIS A 187 -14.62 -17.80 -7.48
C HIS A 187 -14.14 -16.37 -7.63
N CYS A 188 -14.27 -15.85 -8.85
CA CYS A 188 -13.86 -14.49 -9.18
C CYS A 188 -15.05 -13.83 -9.86
N VAL A 189 -15.48 -12.70 -9.31
CA VAL A 189 -16.65 -11.98 -9.83
C VAL A 189 -16.34 -10.74 -10.66
N GLY A 190 -16.97 -10.66 -11.82
CA GLY A 190 -16.76 -9.51 -12.69
C GLY A 190 -18.00 -8.62 -12.68
N ASN A 191 -17.77 -7.31 -12.74
CA ASN A 191 -18.86 -6.35 -12.78
C ASN A 191 -18.87 -5.74 -14.17
N VAL A 192 -20.01 -5.82 -14.85
CA VAL A 192 -20.11 -5.22 -16.18
C VAL A 192 -21.28 -4.25 -16.22
N GLU A 193 -21.35 -3.48 -17.30
CA GLU A 193 -22.38 -2.46 -17.48
C GLU A 193 -23.79 -3.05 -17.67
N LEU A 194 -24.80 -2.19 -17.53
CA LEU A 194 -26.18 -2.61 -17.71
C LEU A 194 -26.39 -3.20 -19.11
N GLY A 195 -27.01 -4.36 -19.17
CA GLY A 195 -27.26 -5.01 -20.44
C GLY A 195 -26.14 -5.86 -21.00
N ARG A 196 -25.00 -5.88 -20.32
CA ARG A 196 -23.84 -6.66 -20.77
C ARG A 196 -23.59 -7.98 -20.03
N MET A 197 -24.42 -8.30 -19.04
CA MET A 197 -24.24 -9.54 -18.27
C MET A 197 -24.33 -10.79 -19.13
N ASN A 198 -25.45 -10.95 -19.82
CA ASN A 198 -25.70 -12.11 -20.69
C ASN A 198 -24.67 -12.22 -21.79
N GLU A 199 -24.17 -11.07 -22.24
CA GLU A 199 -23.18 -11.03 -23.30
C GLU A 199 -21.91 -11.71 -22.83
N TRP A 200 -21.49 -11.39 -21.61
CA TRP A 200 -20.28 -11.99 -21.05
C TRP A 200 -20.47 -13.42 -20.61
N VAL A 201 -21.66 -13.77 -20.12
CA VAL A 201 -21.91 -15.15 -19.72
C VAL A 201 -21.92 -15.96 -21.02
N GLY A 202 -22.40 -15.32 -22.09
CA GLY A 202 -22.43 -15.97 -23.39
C GLY A 202 -21.00 -16.19 -23.83
N PHE A 203 -20.18 -15.15 -23.69
CA PHE A 203 -18.76 -15.20 -24.06
C PHE A 203 -18.01 -16.40 -23.46
N TYR A 204 -18.27 -16.71 -22.20
CA TYR A 204 -17.60 -17.84 -21.56
C TYR A 204 -18.15 -19.17 -22.04
N ASN A 205 -19.44 -19.19 -22.34
CA ASN A 205 -20.11 -20.40 -22.84
C ASN A 205 -19.50 -20.76 -24.20
N LYS A 206 -19.36 -19.76 -25.06
CA LYS A 206 -18.85 -19.93 -26.40
C LYS A 206 -17.34 -20.04 -26.54
N VAL A 207 -16.62 -19.14 -25.87
CA VAL A 207 -15.16 -19.12 -25.95
C VAL A 207 -14.40 -20.15 -25.08
N MET A 208 -14.98 -20.59 -23.97
CA MET A 208 -14.31 -21.54 -23.09
C MET A 208 -15.07 -22.84 -22.83
N GLY A 209 -16.31 -22.91 -23.29
CA GLY A 209 -17.11 -24.10 -23.07
C GLY A 209 -17.68 -24.20 -21.67
N PHE A 210 -17.75 -23.08 -20.96
CA PHE A 210 -18.30 -23.08 -19.60
C PHE A 210 -19.83 -23.13 -19.69
N THR A 211 -20.47 -23.76 -18.72
CA THR A 211 -21.93 -23.80 -18.71
C THR A 211 -22.42 -23.06 -17.46
N ASN A 212 -23.65 -22.58 -17.53
CA ASN A 212 -24.24 -21.84 -16.43
C ASN A 212 -24.61 -22.73 -15.26
N MET A 213 -24.39 -22.22 -14.05
CA MET A 213 -24.76 -22.94 -12.85
C MET A 213 -26.23 -22.58 -12.66
N LYS A 214 -26.93 -23.25 -11.74
CA LYS A 214 -28.33 -22.88 -11.55
C LYS A 214 -28.40 -21.58 -10.74
N GLU A 215 -27.46 -21.42 -9.80
CA GLU A 215 -27.37 -20.25 -8.93
C GLU A 215 -27.31 -18.93 -9.71
N PHE A 216 -28.30 -18.08 -9.50
CA PHE A 216 -28.39 -16.78 -10.16
C PHE A 216 -29.21 -15.78 -9.34
N VAL A 217 -29.06 -14.49 -9.62
CA VAL A 217 -29.82 -13.44 -8.93
C VAL A 217 -30.60 -12.65 -9.99
N GLY A 218 -31.92 -12.80 -10.00
CA GLY A 218 -32.73 -12.12 -10.99
C GLY A 218 -33.85 -11.22 -10.52
N ASP A 219 -34.90 -11.15 -11.35
CA ASP A 219 -36.09 -10.33 -11.13
C ASP A 219 -36.48 -10.08 -9.68
N ASP A 220 -36.88 -11.14 -8.99
CA ASP A 220 -37.27 -11.01 -7.61
C ASP A 220 -36.24 -10.29 -6.75
N ILE A 221 -35.08 -10.92 -6.54
CA ILE A 221 -34.03 -10.34 -5.73
C ILE A 221 -33.52 -8.98 -6.19
N ALA A 222 -33.18 -8.86 -7.46
CA ALA A 222 -32.67 -7.63 -8.05
C ALA A 222 -33.40 -6.33 -7.68
N THR A 223 -34.63 -6.17 -8.20
CA THR A 223 -35.43 -4.98 -7.96
C THR A 223 -36.07 -4.85 -6.59
N GLU A 224 -35.58 -5.58 -5.60
CA GLU A 224 -36.16 -5.50 -4.27
C GLU A 224 -35.15 -5.52 -3.14
N TYR A 225 -34.12 -6.35 -3.29
CA TYR A 225 -33.11 -6.48 -2.24
C TYR A 225 -31.66 -6.21 -2.65
N SER A 226 -31.24 -6.79 -3.77
CA SER A 226 -29.86 -6.68 -4.23
C SER A 226 -29.41 -5.50 -5.08
N ALA A 227 -30.30 -4.96 -5.91
CA ALA A 227 -29.95 -3.85 -6.80
C ALA A 227 -28.88 -4.33 -7.81
N LEU A 228 -28.93 -5.62 -8.13
CA LEU A 228 -27.99 -6.23 -9.07
C LEU A 228 -28.54 -7.54 -9.61
N MET A 229 -28.19 -7.86 -10.85
CA MET A 229 -28.58 -9.12 -11.45
C MET A 229 -27.28 -9.92 -11.60
N SER A 230 -27.36 -11.24 -11.50
CA SER A 230 -26.14 -12.03 -11.60
C SER A 230 -26.31 -13.46 -12.12
N LYS A 231 -25.37 -13.86 -12.97
CA LYS A 231 -25.33 -15.20 -13.54
C LYS A 231 -23.93 -15.77 -13.32
N VAL A 232 -23.82 -17.10 -13.25
CA VAL A 232 -22.53 -17.74 -12.99
C VAL A 232 -22.15 -18.85 -13.97
N VAL A 233 -21.02 -18.67 -14.63
CA VAL A 233 -20.49 -19.67 -15.55
C VAL A 233 -19.41 -20.43 -14.79
N ALA A 234 -19.21 -21.70 -15.14
CA ALA A 234 -18.20 -22.52 -14.49
C ALA A 234 -17.76 -23.56 -15.49
N ASP A 235 -16.57 -24.13 -15.28
CA ASP A 235 -16.05 -25.15 -16.18
C ASP A 235 -16.65 -26.51 -15.83
N GLY A 236 -16.25 -27.54 -16.57
CA GLY A 236 -16.74 -28.87 -16.32
C GLY A 236 -16.44 -29.42 -14.94
N THR A 237 -15.20 -29.24 -14.47
CA THR A 237 -14.83 -29.72 -13.14
C THR A 237 -15.33 -28.82 -12.01
N LEU A 238 -15.93 -27.69 -12.39
CA LEU A 238 -16.46 -26.70 -11.45
C LEU A 238 -15.41 -26.08 -10.53
N LYS A 239 -14.14 -26.17 -10.92
CA LYS A 239 -13.07 -25.59 -10.12
C LYS A 239 -13.03 -24.08 -10.38
N VAL A 240 -13.05 -23.70 -11.65
CA VAL A 240 -13.05 -22.30 -12.07
C VAL A 240 -14.51 -21.79 -12.15
N LYS A 241 -14.82 -20.76 -11.36
CA LYS A 241 -16.17 -20.18 -11.30
C LYS A 241 -16.17 -18.67 -11.53
N PHE A 242 -16.98 -18.20 -12.48
CA PHE A 242 -17.03 -16.77 -12.80
C PHE A 242 -18.41 -16.10 -12.78
N PRO A 243 -18.86 -15.65 -11.60
CA PRO A 243 -20.16 -14.97 -11.52
C PRO A 243 -20.02 -13.61 -12.22
N ILE A 244 -21.03 -13.22 -13.01
CA ILE A 244 -20.99 -11.93 -13.71
C ILE A 244 -22.15 -11.05 -13.22
N ASN A 245 -21.82 -9.91 -12.61
CA ASN A 245 -22.85 -8.99 -12.10
C ASN A 245 -23.11 -7.80 -13.01
N GLU A 246 -24.32 -7.27 -12.95
CA GLU A 246 -24.70 -6.09 -13.70
C GLU A 246 -25.65 -5.31 -12.78
N PRO A 247 -25.76 -3.99 -12.98
CA PRO A 247 -26.64 -3.18 -12.14
C PRO A 247 -28.13 -3.32 -12.45
N ALA A 248 -28.95 -3.15 -11.41
CA ALA A 248 -30.41 -3.20 -11.53
C ALA A 248 -30.99 -2.05 -10.72
N LEU A 249 -32.23 -1.65 -11.04
CA LEU A 249 -32.88 -0.55 -10.32
C LEU A 249 -33.73 -1.06 -9.16
N ALA A 250 -33.60 -0.41 -8.01
CA ALA A 250 -34.35 -0.73 -6.80
C ALA A 250 -34.37 0.57 -6.00
N LYS A 251 -34.77 0.50 -4.73
CA LYS A 251 -34.78 1.71 -3.91
C LYS A 251 -33.44 1.86 -3.21
N LYS A 252 -32.49 1.04 -3.65
CA LYS A 252 -31.15 1.02 -3.11
C LYS A 252 -30.25 1.50 -4.25
N LYS A 253 -29.32 2.41 -3.96
CA LYS A 253 -28.40 2.87 -5.01
C LYS A 253 -27.62 1.58 -5.28
N SER A 254 -27.37 1.27 -6.54
CA SER A 254 -26.66 0.03 -6.85
C SER A 254 -25.16 0.05 -6.62
N GLN A 255 -24.69 -0.96 -5.90
CA GLN A 255 -23.28 -1.11 -5.58
C GLN A 255 -22.47 -1.37 -6.85
N ILE A 256 -23.11 -1.95 -7.86
CA ILE A 256 -22.44 -2.23 -9.12
C ILE A 256 -22.23 -0.92 -9.88
N ASP A 257 -23.16 0.03 -9.70
CA ASP A 257 -23.06 1.36 -10.33
C ASP A 257 -21.90 2.10 -9.69
N GLU A 258 -21.82 2.00 -8.36
CA GLU A 258 -20.77 2.64 -7.59
C GLU A 258 -19.43 2.16 -8.09
N TYR A 259 -19.30 0.85 -8.25
CA TYR A 259 -18.07 0.24 -8.76
C TYR A 259 -17.70 0.82 -10.13
N LEU A 260 -18.60 0.68 -11.10
CA LEU A 260 -18.37 1.17 -12.44
C LEU A 260 -17.98 2.64 -12.48
N GLU A 261 -18.60 3.44 -11.62
CA GLU A 261 -18.32 4.87 -11.56
C GLU A 261 -16.91 5.20 -11.06
N PHE A 262 -16.54 4.62 -9.93
CA PHE A 262 -15.23 4.86 -9.33
C PHE A 262 -14.07 4.07 -9.91
N TYR A 263 -14.38 2.92 -10.51
CA TYR A 263 -13.35 2.09 -11.13
C TYR A 263 -13.12 2.57 -12.55
N GLY A 264 -14.18 3.06 -13.18
CA GLY A 264 -14.09 3.57 -14.54
C GLY A 264 -14.30 2.51 -15.61
N GLY A 265 -15.28 1.63 -15.39
CA GLY A 265 -15.55 0.58 -16.35
C GLY A 265 -15.69 -0.80 -15.71
N ALA A 266 -15.84 -1.83 -16.54
CA ALA A 266 -15.98 -3.20 -16.06
C ALA A 266 -14.66 -3.71 -15.48
N GLY A 267 -14.75 -4.64 -14.53
CA GLY A 267 -13.57 -5.23 -13.92
C GLY A 267 -13.93 -6.14 -12.78
N VAL A 268 -12.94 -6.86 -12.25
CA VAL A 268 -13.18 -7.77 -11.14
C VAL A 268 -13.67 -7.02 -9.89
N GLN A 269 -14.78 -7.50 -9.34
CA GLN A 269 -15.39 -6.90 -8.15
C GLN A 269 -14.81 -7.54 -6.89
N HIS A 270 -14.76 -8.87 -6.85
CA HIS A 270 -14.20 -9.57 -5.71
C HIS A 270 -13.75 -10.99 -6.00
N ILE A 271 -12.80 -11.45 -5.20
CA ILE A 271 -12.26 -12.80 -5.29
C ILE A 271 -12.71 -13.46 -3.98
N ALA A 272 -13.31 -14.64 -4.09
CA ALA A 272 -13.76 -15.37 -2.91
C ALA A 272 -12.68 -16.41 -2.61
N LEU A 273 -12.44 -16.62 -1.32
CA LEU A 273 -11.39 -17.54 -0.86
C LEU A 273 -11.89 -18.56 0.16
N ASN A 274 -11.56 -19.83 -0.08
CA ASN A 274 -11.98 -20.90 0.82
C ASN A 274 -11.13 -21.02 2.06
N THR A 275 -11.80 -21.21 3.20
CA THR A 275 -11.13 -21.39 4.48
C THR A 275 -11.76 -22.63 5.12
N GLY A 276 -10.93 -23.43 5.79
CA GLY A 276 -11.46 -24.61 6.44
C GLY A 276 -12.11 -24.25 7.77
N ASP A 277 -11.81 -23.06 8.26
CA ASP A 277 -12.33 -22.58 9.53
C ASP A 277 -12.45 -21.06 9.49
N ILE A 278 -13.64 -20.59 9.12
CA ILE A 278 -13.95 -19.18 8.98
C ILE A 278 -13.91 -18.40 10.30
N VAL A 279 -14.10 -19.10 11.40
CA VAL A 279 -14.05 -18.48 12.72
C VAL A 279 -12.61 -18.05 13.02
N GLU A 280 -11.69 -18.97 12.81
CA GLU A 280 -10.28 -18.70 13.05
C GLU A 280 -9.72 -17.70 12.04
N THR A 281 -10.19 -17.79 10.79
CA THR A 281 -9.76 -16.89 9.73
C THR A 281 -10.12 -15.46 10.09
N VAL A 282 -11.39 -15.26 10.43
CA VAL A 282 -11.88 -13.94 10.81
C VAL A 282 -11.18 -13.40 12.06
N ARG A 283 -10.86 -14.27 13.00
CA ARG A 283 -10.17 -13.85 14.21
C ARG A 283 -8.75 -13.39 13.88
N THR A 284 -8.05 -14.17 13.07
CA THR A 284 -6.70 -13.84 12.64
C THR A 284 -6.70 -12.54 11.85
N MET A 285 -7.58 -12.45 10.86
CA MET A 285 -7.67 -11.27 10.00
C MET A 285 -8.09 -10.00 10.73
N ARG A 286 -8.99 -10.14 11.70
CA ARG A 286 -9.45 -8.99 12.44
C ARG A 286 -8.34 -8.42 13.33
N ALA A 287 -7.59 -9.31 13.97
CA ALA A 287 -6.47 -8.90 14.82
C ALA A 287 -5.32 -8.37 13.97
N ALA A 288 -5.25 -8.84 12.72
CA ALA A 288 -4.22 -8.43 11.78
C ALA A 288 -4.56 -7.13 11.05
N GLY A 289 -5.70 -6.53 11.41
CA GLY A 289 -6.06 -5.25 10.81
C GLY A 289 -7.13 -5.11 9.74
N VAL A 290 -7.71 -6.20 9.26
CA VAL A 290 -8.75 -6.05 8.25
C VAL A 290 -10.15 -5.91 8.83
N GLN A 291 -10.89 -4.96 8.26
CA GLN A 291 -12.25 -4.72 8.66
C GLN A 291 -13.18 -5.33 7.65
N PHE A 292 -14.26 -5.88 8.16
CA PHE A 292 -15.27 -6.51 7.34
C PHE A 292 -16.52 -5.64 7.38
N LEU A 293 -17.53 -6.01 6.59
CA LEU A 293 -18.78 -5.25 6.58
C LEU A 293 -19.44 -5.37 7.94
N ASP A 294 -20.19 -4.35 8.33
CA ASP A 294 -20.87 -4.34 9.62
C ASP A 294 -22.29 -4.92 9.50
N THR A 295 -22.42 -6.20 9.83
CA THR A 295 -23.70 -6.88 9.75
C THR A 295 -24.58 -6.53 10.95
N PRO A 296 -25.83 -6.09 10.70
CA PRO A 296 -26.77 -5.72 11.77
C PRO A 296 -27.01 -6.86 12.74
N ASP A 297 -26.96 -6.53 14.02
CA ASP A 297 -27.13 -7.50 15.11
C ASP A 297 -28.44 -8.29 14.98
N SER A 298 -29.48 -7.64 14.46
CA SER A 298 -30.77 -8.27 14.30
C SER A 298 -30.83 -9.38 13.24
N TYR A 299 -29.75 -9.54 12.47
CA TYR A 299 -29.66 -10.58 11.45
C TYR A 299 -29.49 -11.93 12.14
N TYR A 300 -28.88 -11.90 13.32
CA TYR A 300 -28.62 -13.09 14.11
C TYR A 300 -29.78 -13.52 14.98
N ASP A 301 -30.78 -12.67 15.09
CA ASP A 301 -31.95 -12.97 15.89
C ASP A 301 -32.86 -13.98 15.19
N THR A 302 -33.04 -13.80 13.89
CA THR A 302 -33.88 -14.69 13.10
C THR A 302 -33.11 -15.68 12.24
N LEU A 303 -31.77 -15.64 12.32
CA LEU A 303 -30.95 -16.54 11.50
C LEU A 303 -31.24 -18.02 11.68
N GLY A 304 -31.45 -18.42 12.93
CA GLY A 304 -31.74 -19.82 13.23
C GLY A 304 -32.99 -20.31 12.54
N GLU A 305 -33.94 -19.41 12.34
CA GLU A 305 -35.22 -19.72 11.70
C GLU A 305 -35.14 -20.14 10.22
N TRP A 306 -34.39 -19.40 9.41
CA TRP A 306 -34.28 -19.72 7.99
C TRP A 306 -33.08 -20.54 7.51
N VAL A 307 -31.95 -20.46 8.21
CA VAL A 307 -30.77 -21.22 7.79
C VAL A 307 -30.51 -22.55 8.54
N GLY A 308 -31.14 -22.73 9.70
CA GLY A 308 -30.95 -23.96 10.45
C GLY A 308 -29.62 -24.06 11.17
N ASP A 309 -29.34 -25.23 11.74
CA ASP A 309 -28.09 -25.44 12.48
C ASP A 309 -26.86 -25.35 11.57
N THR A 310 -25.76 -24.89 12.17
CA THR A 310 -24.48 -24.72 11.48
C THR A 310 -23.40 -25.27 12.42
N ARG A 311 -22.23 -25.60 11.89
CA ARG A 311 -21.16 -26.12 12.73
C ARG A 311 -20.67 -25.06 13.72
N VAL A 312 -20.98 -23.81 13.43
CA VAL A 312 -20.60 -22.68 14.27
C VAL A 312 -21.84 -22.11 14.95
N PRO A 313 -21.81 -21.99 16.28
CA PRO A 313 -22.95 -21.45 17.03
C PRO A 313 -23.18 -19.95 16.75
N VAL A 314 -24.44 -19.57 16.57
CA VAL A 314 -24.84 -18.19 16.28
C VAL A 314 -24.18 -17.14 17.16
N ASP A 315 -23.94 -17.46 18.43
CA ASP A 315 -23.30 -16.50 19.32
C ASP A 315 -21.96 -16.05 18.78
N THR A 316 -21.17 -16.98 18.24
CA THR A 316 -19.87 -16.62 17.68
C THR A 316 -20.00 -16.05 16.27
N LEU A 317 -21.04 -16.46 15.54
CA LEU A 317 -21.26 -15.93 14.20
C LEU A 317 -21.60 -14.45 14.35
N ARG A 318 -22.43 -14.16 15.36
CA ARG A 318 -22.86 -12.81 15.68
C ARG A 318 -21.69 -11.94 16.12
N GLU A 319 -20.84 -12.51 16.98
CA GLU A 319 -19.68 -11.80 17.51
C GLU A 319 -18.73 -11.35 16.41
N LEU A 320 -18.46 -12.26 15.46
CA LEU A 320 -17.54 -12.01 14.36
C LEU A 320 -18.17 -11.48 13.07
N LYS A 321 -19.50 -11.33 13.07
CA LYS A 321 -20.26 -10.84 11.91
C LYS A 321 -20.15 -11.72 10.67
N ILE A 322 -20.18 -13.04 10.85
CA ILE A 322 -20.11 -13.98 9.74
C ILE A 322 -21.54 -14.27 9.29
N LEU A 323 -21.76 -14.33 7.99
CA LEU A 323 -23.09 -14.61 7.43
C LEU A 323 -23.23 -16.10 7.09
N ALA A 324 -24.46 -16.51 6.76
CA ALA A 324 -24.75 -17.90 6.41
C ALA A 324 -25.86 -17.97 5.39
N ASP A 325 -25.93 -19.08 4.66
CA ASP A 325 -26.99 -19.26 3.67
C ASP A 325 -27.20 -20.74 3.45
N ARG A 326 -28.43 -21.09 3.09
CA ARG A 326 -28.78 -22.48 2.87
C ARG A 326 -29.62 -22.68 1.64
N ASP A 327 -29.42 -23.82 0.99
CA ASP A 327 -30.16 -24.19 -0.21
C ASP A 327 -30.52 -25.67 -0.09
N GLU A 328 -30.99 -26.27 -1.19
CA GLU A 328 -31.39 -27.68 -1.18
C GLU A 328 -30.24 -28.65 -0.91
N ASP A 329 -29.01 -28.23 -1.22
CA ASP A 329 -27.84 -29.09 -1.06
C ASP A 329 -27.08 -29.01 0.25
N GLY A 330 -27.25 -27.91 0.96
CA GLY A 330 -26.57 -27.74 2.23
C GLY A 330 -26.51 -26.27 2.59
N TYR A 331 -25.40 -25.86 3.19
CA TYR A 331 -25.25 -24.46 3.56
C TYR A 331 -23.81 -23.99 3.37
N LEU A 332 -23.61 -22.69 3.57
CA LEU A 332 -22.31 -22.07 3.45
C LEU A 332 -22.21 -20.95 4.47
N LEU A 333 -20.98 -20.65 4.89
CA LEU A 333 -20.69 -19.57 5.83
C LEU A 333 -19.81 -18.60 5.05
N GLN A 334 -20.11 -17.32 5.12
CA GLN A 334 -19.33 -16.33 4.37
C GLN A 334 -19.23 -14.99 5.06
N ILE A 335 -18.29 -14.17 4.58
CA ILE A 335 -18.08 -12.82 5.11
C ILE A 335 -17.32 -11.99 4.08
N PHE A 336 -17.65 -10.70 4.00
CA PHE A 336 -17.04 -9.77 3.05
C PHE A 336 -16.19 -8.72 3.72
N THR A 337 -15.04 -8.43 3.12
CA THR A 337 -14.14 -7.43 3.69
C THR A 337 -14.56 -6.08 3.12
N LYS A 338 -14.10 -4.99 3.75
CA LYS A 338 -14.39 -3.66 3.24
C LYS A 338 -13.50 -3.60 1.98
N PRO A 339 -13.65 -2.58 1.13
CA PRO A 339 -12.76 -2.57 -0.06
C PRO A 339 -11.30 -2.40 0.38
N VAL A 340 -10.37 -2.96 -0.38
CA VAL A 340 -8.95 -2.86 -0.03
C VAL A 340 -8.23 -1.59 -0.52
N GLN A 341 -8.97 -0.66 -1.12
CA GLN A 341 -8.43 0.64 -1.58
C GLN A 341 -9.41 1.68 -1.05
N ASP A 342 -9.18 2.93 -1.43
CA ASP A 342 -10.04 4.02 -1.03
C ASP A 342 -11.25 4.11 -1.94
N ARG A 343 -11.07 3.73 -3.20
CA ARG A 343 -12.18 3.73 -4.15
C ARG A 343 -13.09 2.58 -3.74
N PRO A 344 -14.43 2.80 -3.74
CA PRO A 344 -15.39 1.75 -3.37
C PRO A 344 -15.47 0.73 -4.49
N THR A 345 -14.37 0.02 -4.72
CA THR A 345 -14.28 -0.95 -5.78
C THR A 345 -14.07 -2.40 -5.38
N VAL A 346 -12.84 -2.91 -5.46
CA VAL A 346 -12.59 -4.31 -5.12
C VAL A 346 -12.53 -4.62 -3.63
N PHE A 347 -13.00 -5.82 -3.30
CA PHE A 347 -13.04 -6.32 -1.93
C PHE A 347 -12.88 -7.83 -1.99
N PHE A 348 -12.87 -8.48 -0.84
CA PHE A 348 -12.72 -9.91 -0.81
C PHE A 348 -13.80 -10.61 -0.02
N GLU A 349 -13.92 -11.91 -0.25
CA GLU A 349 -14.91 -12.71 0.45
C GLU A 349 -14.21 -13.95 0.99
N ILE A 350 -14.54 -14.29 2.22
CA ILE A 350 -14.00 -15.48 2.86
C ILE A 350 -15.22 -16.40 2.92
N ILE A 351 -15.09 -17.60 2.35
CA ILE A 351 -16.21 -18.54 2.30
C ILE A 351 -15.85 -19.95 2.76
N GLU A 352 -16.79 -20.57 3.45
CA GLU A 352 -16.65 -21.93 3.95
C GLU A 352 -17.93 -22.65 3.54
N ARG A 353 -17.79 -23.59 2.61
CA ARG A 353 -18.93 -24.35 2.11
C ARG A 353 -19.16 -25.65 2.84
N HIS A 354 -20.43 -26.04 2.93
CA HIS A 354 -20.84 -27.29 3.57
C HIS A 354 -22.02 -27.85 2.78
N GLY A 355 -21.75 -28.17 1.52
CA GLY A 355 -22.78 -28.74 0.68
C GLY A 355 -23.34 -27.77 -0.33
N SER A 356 -23.66 -26.56 0.11
CA SER A 356 -24.22 -25.53 -0.78
C SER A 356 -23.30 -25.18 -1.93
N MET A 357 -23.87 -25.02 -3.10
CA MET A 357 -23.14 -24.65 -4.31
C MET A 357 -23.49 -23.20 -4.63
N GLY A 358 -24.15 -22.56 -3.66
CA GLY A 358 -24.57 -21.18 -3.82
C GLY A 358 -23.51 -20.12 -3.57
N PHE A 359 -23.95 -18.87 -3.63
CA PHE A 359 -23.07 -17.73 -3.43
C PHE A 359 -23.58 -16.78 -2.37
N GLY A 360 -24.58 -17.23 -1.61
CA GLY A 360 -25.15 -16.42 -0.55
C GLY A 360 -26.20 -15.43 -0.98
N LYS A 361 -26.90 -15.72 -2.08
CA LYS A 361 -27.93 -14.81 -2.57
C LYS A 361 -29.09 -14.68 -1.57
N GLY A 362 -29.24 -15.69 -0.70
CA GLY A 362 -30.29 -15.66 0.29
C GLY A 362 -30.10 -14.53 1.30
N ASN A 363 -28.86 -14.02 1.40
CA ASN A 363 -28.56 -12.95 2.33
C ASN A 363 -29.00 -11.56 1.90
N PHE A 364 -29.40 -11.39 0.65
CA PHE A 364 -29.86 -10.08 0.21
C PHE A 364 -31.17 -9.72 0.92
N LYS A 365 -32.10 -10.68 0.96
CA LYS A 365 -33.38 -10.50 1.63
C LYS A 365 -33.13 -10.44 3.14
N ALA A 366 -32.29 -11.35 3.64
CA ALA A 366 -31.95 -11.44 5.05
C ALA A 366 -31.35 -10.16 5.60
N LEU A 367 -30.37 -9.59 4.90
CA LEU A 367 -29.71 -8.36 5.33
C LEU A 367 -30.67 -7.16 5.24
N PHE A 368 -31.46 -7.13 4.17
CA PHE A 368 -32.43 -6.05 3.95
C PHE A 368 -33.46 -5.96 5.07
N GLU A 369 -33.97 -7.11 5.49
CA GLU A 369 -34.97 -7.18 6.54
C GLU A 369 -34.34 -6.95 7.91
N ALA A 370 -33.08 -7.34 8.06
CA ALA A 370 -32.36 -7.15 9.30
C ALA A 370 -32.05 -5.67 9.51
N ILE A 371 -31.72 -4.97 8.43
CA ILE A 371 -31.41 -3.54 8.49
C ILE A 371 -32.68 -2.76 8.79
N GLU A 372 -33.78 -3.19 8.17
CA GLU A 372 -35.09 -2.59 8.33
C GLU A 372 -35.55 -2.69 9.79
N ARG A 373 -35.20 -3.83 10.41
CA ARG A 373 -35.55 -4.12 11.80
C ARG A 373 -34.74 -3.29 12.79
N GLU A 374 -33.45 -3.15 12.52
CA GLU A 374 -32.57 -2.37 13.39
C GLU A 374 -33.01 -0.91 13.32
N GLN A 375 -33.69 -0.54 12.25
CA GLN A 375 -34.17 0.82 12.06
C GLN A 375 -35.41 1.14 12.91
N GLU A 376 -36.42 0.29 12.86
CA GLU A 376 -37.65 0.47 13.64
C GLU A 376 -37.39 0.68 15.13
N LYS A 377 -36.30 0.09 15.63
CA LYS A 377 -35.95 0.23 17.05
C LYS A 377 -35.08 1.47 17.25
N ASP B 16 12.95 33.99 16.73
CA ASP B 16 12.29 35.25 17.19
C ASP B 16 11.43 35.89 16.08
N PRO B 17 12.02 36.20 14.90
CA PRO B 17 11.23 36.81 13.83
C PRO B 17 10.38 35.83 13.01
N PHE B 18 10.71 34.55 13.07
CA PHE B 18 9.96 33.51 12.36
C PHE B 18 10.02 32.29 13.29
N PRO B 19 9.28 32.36 14.40
CA PRO B 19 9.21 31.27 15.39
C PRO B 19 8.46 30.04 14.92
N VAL B 20 9.04 28.86 15.16
CA VAL B 20 8.41 27.59 14.80
C VAL B 20 8.39 26.70 16.02
N LYS B 21 7.32 25.93 16.19
CA LYS B 21 7.16 25.05 17.35
C LYS B 21 7.61 23.61 17.08
N GLY B 22 7.74 23.28 15.80
CA GLY B 22 8.16 21.93 15.41
C GLY B 22 7.46 21.51 14.12
N MET B 23 7.56 20.23 13.77
CA MET B 23 6.88 19.73 12.57
C MET B 23 5.44 19.42 12.92
N ASP B 24 4.50 19.95 12.13
CA ASP B 24 3.11 19.67 12.40
C ASP B 24 2.74 18.31 11.84
N ALA B 25 3.28 17.98 10.65
CA ALA B 25 3.01 16.69 10.03
C ALA B 25 3.73 16.55 8.69
N VAL B 26 4.01 15.30 8.31
CA VAL B 26 4.63 15.02 7.02
C VAL B 26 3.48 14.42 6.24
N VAL B 27 3.05 15.14 5.21
CA VAL B 27 1.94 14.73 4.39
C VAL B 27 2.36 14.03 3.10
N PHE B 28 1.95 12.77 2.98
CA PHE B 28 2.25 11.94 1.83
C PHE B 28 1.04 11.83 0.88
N ALA B 29 1.31 11.96 -0.41
CA ALA B 29 0.30 11.81 -1.44
C ALA B 29 0.55 10.37 -1.89
N VAL B 30 -0.41 9.48 -1.62
CA VAL B 30 -0.24 8.08 -1.96
C VAL B 30 -1.37 7.51 -2.81
N GLY B 31 -1.07 6.43 -3.52
CA GLY B 31 -2.06 5.79 -4.38
C GLY B 31 -3.12 4.98 -3.66
N ASN B 32 -2.74 4.34 -2.57
CA ASN B 32 -3.67 3.53 -1.77
C ASN B 32 -3.43 3.89 -0.32
N ALA B 33 -4.17 4.91 0.15
CA ALA B 33 -4.06 5.39 1.52
C ALA B 33 -4.48 4.36 2.56
N LYS B 34 -5.44 3.51 2.21
CA LYS B 34 -5.93 2.49 3.13
C LYS B 34 -4.82 1.47 3.43
N GLN B 35 -4.14 0.99 2.40
CA GLN B 35 -3.06 0.02 2.58
C GLN B 35 -1.79 0.66 3.14
N ALA B 36 -1.57 1.94 2.81
CA ALA B 36 -0.41 2.67 3.33
C ALA B 36 -0.56 2.86 4.84
N ALA B 37 -1.78 3.20 5.27
CA ALA B 37 -2.08 3.40 6.68
C ALA B 37 -1.92 2.09 7.44
N HIS B 38 -2.10 0.97 6.74
CA HIS B 38 -1.94 -0.34 7.35
C HIS B 38 -0.45 -0.62 7.49
N TYR B 39 0.32 -0.22 6.47
CA TYR B 39 1.76 -0.42 6.45
C TYR B 39 2.42 0.31 7.61
N TYR B 40 2.17 1.62 7.73
CA TYR B 40 2.74 2.43 8.80
C TYR B 40 2.27 2.06 10.19
N SER B 41 1.11 1.39 10.28
CA SER B 41 0.58 0.95 11.55
C SER B 41 1.27 -0.33 11.98
N THR B 42 1.42 -1.26 11.05
CA THR B 42 2.04 -2.54 11.34
C THR B 42 3.56 -2.56 11.15
N ALA B 43 4.02 -2.26 9.94
CA ALA B 43 5.45 -2.26 9.66
C ALA B 43 6.22 -1.26 10.50
N PHE B 44 5.70 -0.04 10.60
CA PHE B 44 6.36 1.01 11.37
C PHE B 44 5.85 1.18 12.79
N GLY B 45 4.79 0.48 13.14
CA GLY B 45 4.24 0.55 14.49
C GLY B 45 3.54 1.83 14.90
N MET B 46 3.08 2.63 13.95
CA MET B 46 2.36 3.86 14.25
C MET B 46 0.88 3.60 14.54
N GLN B 47 0.17 4.61 15.04
CA GLN B 47 -1.26 4.45 15.34
C GLN B 47 -2.17 5.47 14.70
N LEU B 48 -3.23 4.98 14.06
CA LEU B 48 -4.20 5.83 13.42
C LEU B 48 -4.96 6.55 14.52
N VAL B 49 -5.11 7.87 14.39
CA VAL B 49 -5.80 8.67 15.40
C VAL B 49 -6.91 9.53 14.81
N ALA B 50 -6.81 9.81 13.51
CA ALA B 50 -7.80 10.62 12.83
C ALA B 50 -7.98 10.17 11.38
N TYR B 51 -9.12 10.51 10.80
CA TYR B 51 -9.44 10.13 9.44
C TYR B 51 -10.41 11.13 8.82
N SER B 52 -10.38 11.21 7.50
CA SER B 52 -11.26 12.11 6.76
C SER B 52 -11.51 11.52 5.39
N GLY B 53 -12.73 11.08 5.16
CA GLY B 53 -13.06 10.51 3.87
C GLY B 53 -14.55 10.54 3.62
N PRO B 54 -15.00 9.78 2.62
CA PRO B 54 -16.41 9.67 2.22
C PRO B 54 -17.40 9.39 3.35
N GLU B 55 -17.01 8.55 4.31
CA GLU B 55 -17.87 8.17 5.43
C GLU B 55 -18.20 9.31 6.38
N ASN B 56 -17.55 10.45 6.22
CA ASN B 56 -17.82 11.61 7.06
C ASN B 56 -18.05 12.88 6.23
N GLY B 57 -18.41 12.69 4.97
CA GLY B 57 -18.70 13.82 4.12
C GLY B 57 -17.62 14.38 3.22
N SER B 58 -16.39 13.87 3.32
CA SER B 58 -15.29 14.34 2.47
C SER B 58 -15.15 13.32 1.34
N ARG B 59 -15.98 13.47 0.33
CA ARG B 59 -16.06 12.55 -0.80
C ARG B 59 -14.92 12.43 -1.81
N GLU B 60 -14.11 13.48 -1.96
CA GLU B 60 -13.03 13.47 -2.95
C GLU B 60 -11.73 12.76 -2.62
N THR B 61 -11.32 12.79 -1.36
CA THR B 61 -10.07 12.16 -0.94
C THR B 61 -10.24 11.39 0.36
N ALA B 62 -9.33 10.46 0.61
CA ALA B 62 -9.33 9.67 1.84
C ALA B 62 -8.06 10.10 2.53
N SER B 63 -8.13 10.44 3.81
CA SER B 63 -6.96 10.91 4.53
C SER B 63 -6.81 10.29 5.91
N TYR B 64 -5.66 9.66 6.14
CA TYR B 64 -5.38 9.00 7.42
C TYR B 64 -4.28 9.71 8.20
N VAL B 65 -4.53 9.92 9.49
CA VAL B 65 -3.56 10.57 10.36
C VAL B 65 -2.94 9.55 11.31
N LEU B 66 -1.68 9.21 11.09
CA LEU B 66 -0.97 8.27 11.95
C LEU B 66 -0.02 9.01 12.86
N THR B 67 0.17 8.45 14.04
CA THR B 67 0.98 9.11 15.02
C THR B 67 1.85 8.16 15.84
N ASN B 68 2.98 8.69 16.31
CA ASN B 68 3.90 7.94 17.16
C ASN B 68 4.65 8.98 17.98
N GLY B 69 4.17 9.18 19.20
CA GLY B 69 4.75 10.19 20.05
C GLY B 69 4.33 11.49 19.40
N SER B 70 5.28 12.32 19.01
CA SER B 70 4.98 13.59 18.36
C SER B 70 5.16 13.50 16.85
N ALA B 71 5.64 12.35 16.36
CA ALA B 71 5.82 12.15 14.93
C ALA B 71 4.41 11.94 14.36
N ARG B 72 4.07 12.67 13.32
CA ARG B 72 2.75 12.55 12.71
C ARG B 72 2.81 12.52 11.18
N PHE B 73 2.27 11.44 10.61
CA PHE B 73 2.23 11.28 9.15
C PHE B 73 0.79 11.36 8.69
N VAL B 74 0.57 12.03 7.56
CA VAL B 74 -0.77 12.13 7.00
C VAL B 74 -0.66 11.47 5.64
N LEU B 75 -1.51 10.48 5.41
CA LEU B 75 -1.53 9.74 4.16
C LEU B 75 -2.83 10.04 3.41
N THR B 76 -2.71 10.82 2.33
CA THR B 76 -3.87 11.19 1.53
C THR B 76 -3.82 10.53 0.17
N SER B 77 -5.01 10.22 -0.32
CA SER B 77 -5.21 9.56 -1.60
C SER B 77 -6.49 10.13 -2.21
N VAL B 78 -6.46 10.47 -3.48
CA VAL B 78 -7.64 11.01 -4.14
C VAL B 78 -8.48 9.86 -4.73
N ILE B 79 -9.77 9.90 -4.45
CA ILE B 79 -10.71 8.87 -4.90
C ILE B 79 -11.22 9.16 -6.29
N LYS B 80 -11.64 10.40 -6.50
CA LYS B 80 -12.15 10.86 -7.78
C LYS B 80 -11.87 12.36 -7.80
N PRO B 81 -10.81 12.76 -8.52
CA PRO B 81 -10.40 14.16 -8.65
C PRO B 81 -11.51 15.11 -9.12
N ALA B 82 -11.69 16.20 -8.40
CA ALA B 82 -12.72 17.20 -8.72
C ALA B 82 -12.29 18.65 -8.47
N THR B 83 -11.29 18.86 -7.63
CA THR B 83 -10.79 20.21 -7.34
C THR B 83 -9.33 20.27 -7.76
N PRO B 84 -8.71 21.47 -7.72
CA PRO B 84 -7.30 21.61 -8.10
C PRO B 84 -6.37 20.75 -7.24
N TRP B 85 -6.69 20.64 -5.94
CA TRP B 85 -5.91 19.84 -5.00
C TRP B 85 -6.03 18.37 -5.37
N GLY B 86 -7.27 17.93 -5.60
CA GLY B 86 -7.52 16.55 -5.97
C GLY B 86 -6.77 16.15 -7.24
N HIS B 87 -6.86 16.99 -8.26
CA HIS B 87 -6.16 16.73 -9.51
C HIS B 87 -4.65 16.77 -9.31
N PHE B 88 -4.19 17.57 -8.35
CA PHE B 88 -2.77 17.69 -8.04
C PHE B 88 -2.21 16.40 -7.46
N LEU B 89 -2.92 15.85 -6.48
CA LEU B 89 -2.51 14.61 -5.82
C LEU B 89 -2.46 13.45 -6.80
N ALA B 90 -3.52 13.32 -7.59
CA ALA B 90 -3.62 12.25 -8.58
C ALA B 90 -2.42 12.25 -9.51
N ASP B 91 -2.08 13.44 -10.01
CA ASP B 91 -0.96 13.64 -10.92
C ASP B 91 0.38 13.41 -10.24
N HIS B 92 0.47 13.84 -8.98
CA HIS B 92 1.69 13.69 -8.21
C HIS B 92 2.03 12.22 -8.00
N VAL B 93 1.03 11.43 -7.64
CA VAL B 93 1.20 9.99 -7.41
C VAL B 93 1.62 9.30 -8.71
N ALA B 94 0.98 9.68 -9.81
CA ALA B 94 1.30 9.08 -11.12
C ALA B 94 2.68 9.46 -11.62
N GLU B 95 3.10 10.68 -11.34
CA GLU B 95 4.39 11.15 -11.80
C GLU B 95 5.59 10.82 -10.91
N HIS B 96 5.41 10.90 -9.59
CA HIS B 96 6.50 10.65 -8.66
C HIS B 96 6.40 9.38 -7.84
N GLY B 97 5.20 8.80 -7.82
CA GLY B 97 4.97 7.61 -7.02
C GLY B 97 4.73 8.12 -5.61
N ASP B 98 4.42 7.22 -4.67
CA ASP B 98 4.19 7.63 -3.29
C ASP B 98 5.33 8.51 -2.79
N GLY B 99 4.98 9.69 -2.28
CA GLY B 99 5.99 10.60 -1.75
C GLY B 99 5.40 11.75 -0.96
N VAL B 100 6.28 12.59 -0.42
CA VAL B 100 5.89 13.73 0.39
C VAL B 100 5.50 14.93 -0.46
N VAL B 101 4.39 15.58 -0.09
CA VAL B 101 3.92 16.77 -0.80
C VAL B 101 3.92 17.98 0.12
N ASP B 102 3.91 17.71 1.43
CA ASP B 102 3.87 18.76 2.42
C ASP B 102 4.64 18.48 3.71
N LEU B 103 5.61 19.36 4.00
CA LEU B 103 6.39 19.29 5.24
C LEU B 103 5.81 20.43 6.07
N ALA B 104 4.68 20.15 6.73
CA ALA B 104 3.97 21.12 7.55
C ALA B 104 4.70 21.54 8.82
N ILE B 105 4.68 22.84 9.08
CA ILE B 105 5.35 23.41 10.25
C ILE B 105 4.36 24.14 11.14
N GLU B 106 4.42 23.86 12.44
CA GLU B 106 3.54 24.51 13.40
C GLU B 106 4.13 25.85 13.81
N VAL B 107 3.31 26.89 13.74
CA VAL B 107 3.74 28.22 14.11
C VAL B 107 2.74 28.85 15.08
N PRO B 108 3.20 29.83 15.85
CA PRO B 108 2.36 30.53 16.83
C PRO B 108 1.36 31.44 16.10
N ASP B 109 1.73 31.83 14.89
CA ASP B 109 0.90 32.72 14.09
C ASP B 109 1.11 32.52 12.58
N ALA B 110 0.11 31.92 11.93
CA ALA B 110 0.13 31.63 10.50
C ALA B 110 0.15 32.87 9.60
N ARG B 111 -0.65 33.87 9.96
CA ARG B 111 -0.71 35.12 9.20
C ARG B 111 0.63 35.87 9.25
N ALA B 112 1.26 35.86 10.42
CA ALA B 112 2.55 36.52 10.61
C ALA B 112 3.64 35.80 9.81
N ALA B 113 3.67 34.48 9.95
CA ALA B 113 4.64 33.63 9.27
C ALA B 113 4.53 33.71 7.75
N HIS B 114 3.30 33.72 7.24
CA HIS B 114 3.09 33.78 5.80
C HIS B 114 3.60 35.11 5.26
N ALA B 115 3.16 36.21 5.88
CA ALA B 115 3.57 37.55 5.49
C ALA B 115 5.08 37.68 5.51
N TYR B 116 5.71 37.15 6.56
CA TYR B 116 7.16 37.20 6.72
C TYR B 116 7.85 36.46 5.59
N ALA B 117 7.40 35.24 5.31
CA ALA B 117 7.99 34.42 4.26
C ALA B 117 7.83 35.04 2.87
N ILE B 118 6.67 35.64 2.62
CA ILE B 118 6.41 36.29 1.33
C ILE B 118 7.20 37.58 1.18
N GLU B 119 7.32 38.34 2.27
CA GLU B 119 8.08 39.59 2.27
C GLU B 119 9.56 39.31 1.96
N HIS B 120 10.01 38.11 2.30
CA HIS B 120 11.39 37.70 2.07
C HIS B 120 11.65 36.83 0.83
N GLY B 121 10.77 36.86 -0.16
CA GLY B 121 11.00 36.09 -1.37
C GLY B 121 10.29 34.78 -1.66
N ALA B 122 9.68 34.16 -0.65
CA ALA B 122 8.97 32.89 -0.88
C ALA B 122 7.74 33.08 -1.77
N ARG B 123 7.32 31.99 -2.41
CA ARG B 123 6.16 31.99 -3.30
C ARG B 123 4.98 31.37 -2.54
N SER B 124 3.85 32.07 -2.55
CA SER B 124 2.66 31.59 -1.85
C SER B 124 1.88 30.49 -2.58
N VAL B 125 1.53 29.45 -1.83
CA VAL B 125 0.77 28.31 -2.35
C VAL B 125 -0.68 28.41 -1.84
N ALA B 126 -0.84 29.06 -0.68
CA ALA B 126 -2.13 29.25 -0.07
C ALA B 126 -2.08 30.45 0.87
N GLU B 127 -2.98 31.40 0.66
CA GLU B 127 -3.09 32.58 1.48
C GLU B 127 -3.66 32.15 2.81
N PRO B 128 -3.39 32.90 3.88
CA PRO B 128 -3.92 32.53 5.20
C PRO B 128 -5.45 32.33 5.21
N TYR B 129 -5.88 31.15 5.64
CA TYR B 129 -7.31 30.84 5.73
C TYR B 129 -7.58 30.14 7.04
N GLU B 130 -8.86 29.98 7.38
CA GLU B 130 -9.23 29.34 8.62
C GLU B 130 -10.19 28.18 8.48
N LEU B 131 -10.00 27.19 9.35
CA LEU B 131 -10.85 26.02 9.39
C LEU B 131 -11.45 26.03 10.78
N LYS B 132 -12.74 25.72 10.89
CA LYS B 132 -13.39 25.72 12.19
C LYS B 132 -14.47 24.66 12.32
N ASP B 133 -14.45 23.96 13.45
CA ASP B 133 -15.45 22.94 13.76
C ASP B 133 -15.67 22.92 15.28
N GLU B 134 -16.38 21.92 15.78
CA GLU B 134 -16.68 21.85 17.21
C GLU B 134 -15.44 21.88 18.11
N HIS B 135 -14.29 21.51 17.56
CA HIS B 135 -13.06 21.46 18.32
C HIS B 135 -12.20 22.71 18.26
N GLY B 136 -12.66 23.72 17.53
CA GLY B 136 -11.90 24.95 17.45
C GLY B 136 -11.56 25.47 16.08
N THR B 137 -10.65 26.45 16.06
CA THR B 137 -10.19 27.09 14.84
C THR B 137 -8.70 26.81 14.60
N VAL B 138 -8.33 26.75 13.33
CA VAL B 138 -6.94 26.52 12.91
C VAL B 138 -6.69 27.42 11.72
N VAL B 139 -5.63 28.22 11.77
CA VAL B 139 -5.27 29.12 10.67
C VAL B 139 -4.15 28.44 9.86
N LEU B 140 -4.37 28.27 8.57
CA LEU B 140 -3.41 27.63 7.70
C LEU B 140 -2.92 28.57 6.60
N ALA B 141 -1.65 28.44 6.24
CA ALA B 141 -1.04 29.22 5.17
C ALA B 141 0.03 28.32 4.58
N ALA B 142 0.35 28.48 3.30
CA ALA B 142 1.37 27.64 2.68
C ALA B 142 2.24 28.35 1.66
N ILE B 143 3.53 28.01 1.68
CA ILE B 143 4.50 28.57 0.74
C ILE B 143 5.16 27.41 0.02
N ALA B 144 5.81 27.69 -1.11
CA ALA B 144 6.46 26.62 -1.87
C ALA B 144 7.95 26.46 -1.57
N THR B 145 8.42 25.22 -1.56
CA THR B 145 9.84 24.95 -1.38
C THR B 145 10.26 24.14 -2.61
N TYR B 146 11.37 23.41 -2.56
CA TYR B 146 11.86 22.65 -3.72
C TYR B 146 10.87 21.71 -4.43
N GLY B 147 11.13 21.50 -5.73
CA GLY B 147 10.30 20.62 -6.56
C GLY B 147 8.83 20.99 -6.49
N LYS B 148 8.01 20.04 -6.05
CA LYS B 148 6.57 20.22 -5.90
C LYS B 148 6.18 20.23 -4.41
N THR B 149 7.15 20.28 -3.51
CA THR B 149 6.90 20.25 -2.07
C THR B 149 6.51 21.61 -1.48
N ARG B 150 5.62 21.61 -0.49
CA ARG B 150 5.19 22.83 0.18
C ARG B 150 5.39 22.74 1.69
N HIS B 151 5.24 23.88 2.35
CA HIS B 151 5.35 23.97 3.79
C HIS B 151 4.06 24.66 4.22
N THR B 152 3.17 23.92 4.87
CA THR B 152 1.95 24.51 5.35
C THR B 152 2.30 25.05 6.72
N LEU B 153 1.99 26.32 6.96
CA LEU B 153 2.25 26.97 8.23
C LEU B 153 0.96 26.82 9.03
N VAL B 154 1.02 26.05 10.12
CA VAL B 154 -0.15 25.75 10.93
C VAL B 154 -0.22 26.34 12.32
N ASP B 155 -1.21 27.20 12.55
CA ASP B 155 -1.45 27.80 13.86
C ASP B 155 -2.68 27.06 14.41
N ARG B 156 -2.42 26.07 15.26
CA ARG B 156 -3.48 25.27 15.87
C ARG B 156 -3.63 25.58 17.36
N THR B 157 -3.21 26.76 17.77
CA THR B 157 -3.32 27.16 19.18
C THR B 157 -4.79 27.20 19.65
N GLY B 158 -5.72 27.42 18.71
CA GLY B 158 -7.12 27.46 19.05
C GLY B 158 -7.92 26.20 18.74
N TYR B 159 -7.22 25.08 18.54
CA TYR B 159 -7.88 23.81 18.21
C TYR B 159 -7.38 22.68 19.12
N ASP B 160 -8.31 21.80 19.50
CA ASP B 160 -8.01 20.66 20.38
C ASP B 160 -8.50 19.33 19.82
N GLY B 161 -8.97 19.33 18.57
CA GLY B 161 -9.48 18.11 17.96
C GLY B 161 -8.47 17.07 17.52
N PRO B 162 -8.93 16.04 16.79
CA PRO B 162 -8.12 14.91 16.29
C PRO B 162 -6.90 15.25 15.42
N TYR B 163 -7.04 16.26 14.55
CA TYR B 163 -5.93 16.68 13.68
C TYR B 163 -6.20 18.07 13.09
N LEU B 164 -7.19 18.16 12.22
CA LEU B 164 -7.60 19.42 11.61
C LEU B 164 -9.11 19.36 11.46
N PRO B 165 -9.79 20.52 11.47
CA PRO B 165 -11.24 20.53 11.33
C PRO B 165 -11.63 19.77 10.05
N GLY B 166 -12.57 18.83 10.18
CA GLY B 166 -12.98 18.03 9.04
C GLY B 166 -12.53 16.59 9.26
N TYR B 167 -11.56 16.41 10.14
CA TYR B 167 -11.06 15.09 10.48
C TYR B 167 -11.82 14.59 11.69
N VAL B 168 -12.03 13.28 11.74
CA VAL B 168 -12.75 12.66 12.83
C VAL B 168 -11.82 11.67 13.51
N ALA B 169 -11.98 11.51 14.81
CA ALA B 169 -11.17 10.56 15.56
C ALA B 169 -11.33 9.18 14.95
N ALA B 170 -10.26 8.39 14.99
CA ALA B 170 -10.29 7.04 14.44
C ALA B 170 -9.54 6.13 15.40
N ALA B 171 -9.84 4.84 15.35
CA ALA B 171 -9.22 3.86 16.24
C ALA B 171 -8.06 3.14 15.55
N PRO B 172 -7.03 2.75 16.33
CA PRO B 172 -5.87 2.05 15.78
C PRO B 172 -6.29 0.84 14.96
N ILE B 173 -5.68 0.69 13.80
CA ILE B 173 -5.98 -0.42 12.89
C ILE B 173 -5.62 -1.76 13.54
N VAL B 174 -4.59 -1.75 14.38
CA VAL B 174 -4.15 -2.95 15.08
C VAL B 174 -3.64 -2.54 16.48
N GLU B 175 -3.40 -3.54 17.32
CA GLU B 175 -2.90 -3.32 18.66
C GLU B 175 -1.50 -2.70 18.51
N PRO B 176 -1.23 -1.58 19.22
CA PRO B 176 0.10 -0.98 19.10
C PRO B 176 1.19 -1.93 19.60
N PRO B 177 2.43 -1.79 19.10
CA PRO B 177 3.48 -2.70 19.57
C PRO B 177 3.79 -2.44 21.05
N ALA B 178 4.30 -3.48 21.73
CA ALA B 178 4.62 -3.38 23.16
C ALA B 178 5.50 -2.18 23.47
N HIS B 179 6.54 -2.00 22.67
CA HIS B 179 7.49 -0.91 22.83
C HIS B 179 7.32 0.05 21.66
N ARG B 180 7.13 1.33 21.94
CA ARG B 180 6.99 2.34 20.89
C ARG B 180 8.20 2.30 19.96
N THR B 181 7.96 2.27 18.66
CA THR B 181 9.04 2.24 17.68
C THR B 181 9.82 3.55 17.59
N PHE B 182 9.12 4.66 17.66
CA PHE B 182 9.74 5.99 17.62
C PHE B 182 8.82 7.00 18.28
N GLN B 183 9.34 8.18 18.63
CA GLN B 183 8.54 9.16 19.34
C GLN B 183 8.60 10.59 18.81
N ALA B 184 9.39 10.81 17.78
CA ALA B 184 9.53 12.15 17.21
C ALA B 184 10.27 12.15 15.88
N ILE B 185 10.18 13.29 15.20
CA ILE B 185 10.83 13.50 13.92
C ILE B 185 12.08 14.31 14.23
N ASP B 186 13.25 13.75 13.89
CA ASP B 186 14.53 14.41 14.12
C ASP B 186 14.87 15.40 13.00
N HIS B 187 14.78 14.95 11.75
CA HIS B 187 15.06 15.79 10.59
C HIS B 187 14.35 15.32 9.31
N CYS B 188 14.19 16.24 8.37
CA CYS B 188 13.54 15.97 7.09
C CYS B 188 14.49 16.40 5.98
N VAL B 189 14.99 15.41 5.23
CA VAL B 189 15.95 15.62 4.15
C VAL B 189 15.38 15.78 2.74
N GLY B 190 15.87 16.78 2.03
CA GLY B 190 15.43 17.04 0.66
C GLY B 190 16.56 16.89 -0.33
N ASN B 191 16.26 16.27 -1.47
CA ASN B 191 17.22 16.08 -2.54
C ASN B 191 16.91 17.10 -3.63
N VAL B 192 17.93 17.84 -4.05
CA VAL B 192 17.74 18.83 -5.10
C VAL B 192 18.76 18.56 -6.21
N GLU B 193 18.58 19.24 -7.33
CA GLU B 193 19.47 19.06 -8.47
C GLU B 193 20.86 19.61 -8.19
N LEU B 194 21.85 19.14 -8.95
CA LEU B 194 23.22 19.60 -8.79
C LEU B 194 23.26 21.12 -9.04
N GLY B 195 23.86 21.85 -8.11
CA GLY B 195 23.94 23.30 -8.23
C GLY B 195 22.84 24.06 -7.52
N ARG B 196 21.84 23.34 -7.01
CA ARG B 196 20.71 23.96 -6.33
C ARG B 196 20.74 23.88 -4.79
N MET B 197 21.73 23.18 -4.21
CA MET B 197 21.83 23.04 -2.75
C MET B 197 21.97 24.35 -1.98
N ASN B 198 22.98 25.14 -2.33
CA ASN B 198 23.23 26.42 -1.67
C ASN B 198 22.09 27.41 -1.84
N GLU B 199 21.35 27.26 -2.92
CA GLU B 199 20.21 28.11 -3.23
C GLU B 199 19.09 27.84 -2.22
N TRP B 200 18.83 26.57 -1.94
CA TRP B 200 17.78 26.18 -0.99
C TRP B 200 18.19 26.43 0.45
N VAL B 201 19.50 26.39 0.68
CA VAL B 201 20.06 26.64 2.00
C VAL B 201 19.86 28.13 2.30
N GLY B 202 20.13 28.96 1.30
CA GLY B 202 19.95 30.40 1.45
C GLY B 202 18.47 30.73 1.57
N PHE B 203 17.63 29.95 0.88
CA PHE B 203 16.18 30.14 0.93
C PHE B 203 15.69 30.04 2.37
N TYR B 204 16.09 28.99 3.08
CA TYR B 204 15.66 28.80 4.47
C TYR B 204 16.25 29.85 5.42
N ASN B 205 17.46 30.32 5.12
CA ASN B 205 18.12 31.33 5.92
C ASN B 205 17.34 32.64 5.79
N LYS B 206 16.97 32.97 4.55
CA LYS B 206 16.22 34.20 4.27
C LYS B 206 14.75 34.11 4.61
N VAL B 207 14.04 33.20 3.94
CA VAL B 207 12.61 33.02 4.14
C VAL B 207 12.14 32.60 5.55
N MET B 208 12.91 31.78 6.24
CA MET B 208 12.50 31.32 7.57
C MET B 208 13.45 31.72 8.70
N GLY B 209 14.50 32.47 8.36
CA GLY B 209 15.46 32.89 9.36
C GLY B 209 16.15 31.72 10.04
N PHE B 210 16.26 30.61 9.31
CA PHE B 210 16.93 29.44 9.83
C PHE B 210 18.43 29.66 9.89
N THR B 211 19.14 28.73 10.52
CA THR B 211 20.59 28.84 10.70
C THR B 211 21.29 27.56 10.23
N ASN B 212 22.46 27.74 9.60
CA ASN B 212 23.24 26.60 9.12
C ASN B 212 23.91 25.91 10.31
N MET B 213 23.75 24.59 10.41
CA MET B 213 24.36 23.82 11.49
C MET B 213 25.83 23.56 11.15
N LYS B 214 26.63 23.22 12.15
CA LYS B 214 28.07 22.96 11.95
C LYS B 214 28.40 21.84 10.98
N GLU B 215 27.63 20.75 11.06
CA GLU B 215 27.84 19.59 10.21
C GLU B 215 27.33 19.69 8.76
N PHE B 216 28.25 19.44 7.83
CA PHE B 216 27.98 19.50 6.40
C PHE B 216 28.81 18.39 5.76
N VAL B 217 28.39 17.92 4.60
CA VAL B 217 29.15 16.90 3.89
C VAL B 217 29.78 17.66 2.73
N GLY B 218 31.06 18.00 2.90
CA GLY B 218 31.80 18.75 1.91
C GLY B 218 32.38 18.00 0.72
N ASP B 219 33.05 18.74 -0.17
CA ASP B 219 33.64 18.15 -1.38
C ASP B 219 34.63 17.02 -1.09
N ASP B 220 35.26 17.07 0.07
CA ASP B 220 36.22 16.06 0.50
C ASP B 220 35.58 14.66 0.48
N ILE B 221 34.63 14.45 1.39
CA ILE B 221 33.90 13.19 1.50
C ILE B 221 32.98 12.99 0.30
N ALA B 222 32.50 14.09 -0.25
CA ALA B 222 31.60 14.08 -1.39
C ALA B 222 32.10 13.30 -2.60
N THR B 223 33.30 13.63 -3.07
CA THR B 223 33.86 12.95 -4.24
C THR B 223 34.49 11.58 -4.06
N GLU B 224 34.78 11.17 -2.83
CA GLU B 224 35.41 9.86 -2.65
C GLU B 224 34.59 8.80 -1.92
N TYR B 225 33.66 9.23 -1.06
CA TYR B 225 32.86 8.28 -0.29
C TYR B 225 31.34 8.34 -0.41
N SER B 226 30.78 9.54 -0.35
CA SER B 226 29.33 9.72 -0.38
C SER B 226 28.63 9.94 -1.71
N ALA B 227 29.33 10.54 -2.67
CA ALA B 227 28.77 10.85 -3.98
C ALA B 227 27.67 11.89 -3.81
N LEU B 228 27.78 12.67 -2.72
CA LEU B 228 26.80 13.71 -2.42
C LEU B 228 27.36 14.82 -1.51
N MET B 229 26.76 15.99 -1.62
CA MET B 229 27.12 17.12 -0.78
C MET B 229 25.87 17.50 0.00
N SER B 230 26.06 17.95 1.24
CA SER B 230 24.92 18.32 2.06
C SER B 230 25.24 19.43 3.05
N LYS B 231 24.20 20.16 3.43
CA LYS B 231 24.29 21.23 4.39
C LYS B 231 22.95 21.22 5.09
N VAL B 232 22.94 21.47 6.38
CA VAL B 232 21.68 21.44 7.08
C VAL B 232 21.32 22.72 7.82
N VAL B 233 20.09 23.15 7.59
CA VAL B 233 19.53 24.34 8.20
C VAL B 233 18.58 23.96 9.33
N ALA B 234 18.53 24.78 10.37
CA ALA B 234 17.65 24.51 11.50
C ALA B 234 17.16 25.81 12.11
N ASP B 235 16.02 25.75 12.78
CA ASP B 235 15.46 26.94 13.42
C ASP B 235 16.25 27.22 14.69
N GLY B 236 15.88 28.29 15.39
CA GLY B 236 16.56 28.67 16.61
C GLY B 236 16.57 27.60 17.70
N THR B 237 15.41 26.99 17.96
CA THR B 237 15.30 25.95 18.98
C THR B 237 15.97 24.64 18.58
N LEU B 238 16.38 24.54 17.31
CA LEU B 238 17.04 23.35 16.77
C LEU B 238 16.07 22.16 16.64
N LYS B 239 14.76 22.43 16.66
CA LYS B 239 13.75 21.38 16.54
C LYS B 239 13.53 20.98 15.08
N VAL B 240 13.21 21.96 14.24
CA VAL B 240 13.00 21.72 12.82
C VAL B 240 14.37 21.75 12.16
N LYS B 241 14.77 20.63 11.59
CA LYS B 241 16.06 20.50 10.91
C LYS B 241 15.81 20.01 9.50
N PHE B 242 16.35 20.74 8.51
CA PHE B 242 16.17 20.39 7.10
C PHE B 242 17.48 20.23 6.33
N PRO B 243 18.05 19.04 6.27
CA PRO B 243 19.30 18.87 5.52
C PRO B 243 18.99 18.94 4.01
N ILE B 244 19.87 19.51 3.21
CA ILE B 244 19.63 19.59 1.76
C ILE B 244 20.77 18.88 1.00
N ASN B 245 20.43 17.78 0.34
CA ASN B 245 21.40 17.01 -0.45
C ASN B 245 21.38 17.43 -1.91
N GLU B 246 22.50 17.20 -2.58
CA GLU B 246 22.69 17.53 -3.99
C GLU B 246 23.71 16.51 -4.49
N PRO B 247 23.59 16.08 -5.77
CA PRO B 247 24.54 15.09 -6.29
C PRO B 247 25.98 15.61 -6.39
N ALA B 248 26.92 14.68 -6.44
CA ALA B 248 28.34 15.00 -6.56
C ALA B 248 29.03 13.86 -7.31
N LEU B 249 30.02 14.21 -8.14
CA LEU B 249 30.74 13.21 -8.91
C LEU B 249 31.75 12.46 -8.04
N ALA B 250 31.68 11.14 -8.09
CA ALA B 250 32.57 10.25 -7.33
C ALA B 250 32.80 9.04 -8.24
N LYS B 251 33.54 8.05 -7.77
CA LYS B 251 33.79 6.86 -8.58
C LYS B 251 32.53 5.99 -8.64
N LYS B 252 31.65 6.18 -7.65
CA LYS B 252 30.40 5.41 -7.58
C LYS B 252 29.20 6.27 -8.00
N LYS B 253 28.15 5.60 -8.49
CA LYS B 253 26.95 6.31 -8.90
C LYS B 253 26.35 7.05 -7.72
N SER B 254 25.74 8.20 -7.95
CA SER B 254 25.16 8.97 -6.87
C SER B 254 23.73 8.51 -6.56
N GLN B 255 23.46 8.23 -5.29
CA GLN B 255 22.13 7.80 -4.85
C GLN B 255 21.15 8.97 -4.97
N ILE B 256 21.69 10.18 -5.01
CA ILE B 256 20.88 11.39 -5.14
C ILE B 256 20.43 11.52 -6.60
N ASP B 257 21.34 11.18 -7.52
CA ASP B 257 21.00 11.21 -8.94
C ASP B 257 19.96 10.16 -9.23
N GLU B 258 20.11 8.99 -8.61
CA GLU B 258 19.15 7.91 -8.81
C GLU B 258 17.79 8.36 -8.31
N TYR B 259 17.77 9.10 -7.21
CA TYR B 259 16.53 9.62 -6.65
C TYR B 259 15.84 10.56 -7.64
N LEU B 260 16.56 11.61 -8.05
CA LEU B 260 16.03 12.60 -9.00
C LEU B 260 15.55 11.96 -10.29
N GLU B 261 16.24 10.90 -10.71
CA GLU B 261 15.92 10.17 -11.94
C GLU B 261 14.61 9.39 -11.83
N PHE B 262 14.45 8.64 -10.74
CA PHE B 262 13.26 7.83 -10.50
C PHE B 262 12.08 8.55 -9.86
N TYR B 263 12.35 9.68 -9.21
CA TYR B 263 11.29 10.47 -8.58
C TYR B 263 10.80 11.53 -9.57
N GLY B 264 11.70 11.98 -10.45
CA GLY B 264 11.34 12.98 -11.45
C GLY B 264 11.51 14.42 -10.97
N GLY B 265 12.54 14.65 -10.14
CA GLY B 265 12.78 15.99 -9.63
C GLY B 265 13.12 16.02 -8.16
N ALA B 266 13.26 17.24 -7.63
CA ALA B 266 13.59 17.46 -6.23
C ALA B 266 12.46 16.98 -5.33
N GLY B 267 12.84 16.43 -4.19
CA GLY B 267 11.84 15.94 -3.27
C GLY B 267 12.47 15.46 -1.98
N VAL B 268 11.63 15.09 -1.03
CA VAL B 268 12.09 14.61 0.27
C VAL B 268 12.66 13.22 0.11
N GLN B 269 13.91 13.05 0.53
CA GLN B 269 14.60 11.77 0.44
C GLN B 269 14.27 10.86 1.63
N HIS B 270 14.41 11.40 2.84
CA HIS B 270 14.09 10.63 4.04
C HIS B 270 13.73 11.49 5.24
N ILE B 271 13.00 10.87 6.18
CA ILE B 271 12.58 11.51 7.42
C ILE B 271 13.26 10.70 8.52
N ALA B 272 13.95 11.38 9.43
CA ALA B 272 14.62 10.71 10.55
C ALA B 272 13.70 10.73 11.77
N LEU B 273 13.58 9.58 12.42
CA LEU B 273 12.72 9.41 13.57
C LEU B 273 13.48 9.03 14.84
N ASN B 274 13.21 9.75 15.93
CA ASN B 274 13.87 9.54 17.21
C ASN B 274 13.30 8.37 18.01
N THR B 275 14.18 7.54 18.55
CA THR B 275 13.75 6.41 19.37
C THR B 275 14.54 6.42 20.67
N GLY B 276 13.93 5.89 21.73
CA GLY B 276 14.60 5.82 23.02
C GLY B 276 15.39 4.54 23.16
N ASP B 277 15.15 3.61 22.24
CA ASP B 277 15.83 2.32 22.23
C ASP B 277 15.82 1.77 20.80
N ILE B 278 16.90 2.02 20.08
CA ILE B 278 17.05 1.60 18.68
C ILE B 278 17.09 0.07 18.53
N VAL B 279 17.58 -0.60 19.57
CA VAL B 279 17.66 -2.07 19.56
C VAL B 279 16.26 -2.66 19.54
N GLU B 280 15.41 -2.19 20.45
CA GLU B 280 14.05 -2.67 20.55
C GLU B 280 13.23 -2.24 19.33
N THR B 281 13.53 -1.06 18.79
CA THR B 281 12.84 -0.55 17.61
C THR B 281 13.11 -1.44 16.42
N VAL B 282 14.37 -1.81 16.22
CA VAL B 282 14.76 -2.65 15.09
C VAL B 282 14.23 -4.08 15.22
N ARG B 283 14.20 -4.62 16.43
CA ARG B 283 13.68 -5.98 16.62
C ARG B 283 12.21 -6.01 16.27
N THR B 284 11.49 -4.99 16.73
CA THR B 284 10.05 -4.87 16.48
C THR B 284 9.79 -4.65 14.99
N MET B 285 10.48 -3.69 14.39
CA MET B 285 10.28 -3.39 12.98
C MET B 285 10.67 -4.54 12.07
N ARG B 286 11.77 -5.22 12.37
CA ARG B 286 12.22 -6.35 11.57
C ARG B 286 11.17 -7.46 11.60
N ALA B 287 10.64 -7.75 12.78
CA ALA B 287 9.63 -8.79 12.93
C ALA B 287 8.30 -8.38 12.31
N ALA B 288 8.07 -7.07 12.21
CA ALA B 288 6.84 -6.54 11.63
C ALA B 288 6.94 -6.47 10.10
N GLY B 289 8.07 -6.92 9.57
CA GLY B 289 8.25 -6.93 8.13
C GLY B 289 9.07 -5.86 7.46
N VAL B 290 9.77 -5.00 8.19
CA VAL B 290 10.59 -4.01 7.48
C VAL B 290 12.04 -4.45 7.37
N GLN B 291 12.59 -4.27 6.17
CA GLN B 291 13.98 -4.60 5.91
C GLN B 291 14.80 -3.31 5.90
N PHE B 292 15.99 -3.41 6.45
CA PHE B 292 16.90 -2.28 6.52
C PHE B 292 18.06 -2.50 5.57
N LEU B 293 18.97 -1.54 5.49
CA LEU B 293 20.12 -1.69 4.60
C LEU B 293 21.01 -2.80 5.13
N ASP B 294 21.72 -3.46 4.25
CA ASP B 294 22.60 -4.52 4.72
C ASP B 294 24.00 -3.98 4.88
N THR B 295 24.34 -3.68 6.13
CA THR B 295 25.64 -3.15 6.50
C THR B 295 26.69 -4.26 6.49
N PRO B 296 27.80 -4.05 5.76
CA PRO B 296 28.86 -5.07 5.69
C PRO B 296 29.36 -5.44 7.08
N ASP B 297 29.39 -6.75 7.36
CA ASP B 297 29.80 -7.26 8.67
C ASP B 297 31.17 -6.76 9.09
N SER B 298 32.05 -6.52 8.14
CA SER B 298 33.40 -6.05 8.45
C SER B 298 33.41 -4.63 8.99
N TYR B 299 32.28 -3.95 8.90
CA TYR B 299 32.14 -2.58 9.41
C TYR B 299 32.29 -2.66 10.91
N TYR B 300 31.76 -3.73 11.48
CA TYR B 300 31.77 -3.95 12.91
C TYR B 300 33.12 -4.38 13.45
N ASP B 301 33.91 -5.03 12.61
CA ASP B 301 35.23 -5.50 13.01
C ASP B 301 36.09 -4.34 13.50
N THR B 302 35.97 -3.18 12.85
CA THR B 302 36.77 -2.02 13.22
C THR B 302 35.98 -0.86 13.83
N LEU B 303 34.72 -1.09 14.19
CA LEU B 303 33.89 -0.04 14.75
C LEU B 303 34.43 0.53 16.06
N GLY B 304 34.93 -0.35 16.92
CA GLY B 304 35.45 0.08 18.20
C GLY B 304 36.65 1.01 18.13
N GLU B 305 37.41 0.90 17.05
CA GLU B 305 38.62 1.69 16.84
C GLU B 305 38.43 3.20 16.56
N TRP B 306 37.26 3.60 16.08
CA TRP B 306 37.01 5.01 15.74
C TRP B 306 35.79 5.64 16.42
N VAL B 307 34.88 4.80 16.89
CA VAL B 307 33.67 5.26 17.55
C VAL B 307 33.73 4.97 19.06
N GLY B 308 34.61 4.06 19.45
CA GLY B 308 34.76 3.72 20.85
C GLY B 308 33.56 2.96 21.39
N ASP B 309 33.36 3.03 22.70
CA ASP B 309 32.24 2.33 23.33
C ASP B 309 30.91 3.06 23.28
N THR B 310 29.86 2.26 23.13
CA THR B 310 28.48 2.72 23.02
C THR B 310 27.64 1.99 24.07
N ARG B 311 26.43 2.49 24.36
CA ARG B 311 25.55 1.84 25.33
C ARG B 311 25.05 0.49 24.82
N VAL B 312 25.18 0.27 23.52
CA VAL B 312 24.79 -0.97 22.89
C VAL B 312 26.07 -1.70 22.50
N PRO B 313 26.30 -2.90 23.05
CA PRO B 313 27.50 -3.68 22.75
C PRO B 313 27.61 -3.98 21.25
N VAL B 314 28.83 -3.97 20.72
CA VAL B 314 29.06 -4.19 19.30
C VAL B 314 28.41 -5.44 18.69
N ASP B 315 28.21 -6.48 19.50
CA ASP B 315 27.60 -7.72 19.04
C ASP B 315 26.15 -7.60 18.63
N THR B 316 25.41 -6.72 19.30
CA THR B 316 24.01 -6.54 18.93
C THR B 316 23.86 -5.48 17.84
N LEU B 317 24.87 -4.63 17.68
CA LEU B 317 24.87 -3.62 16.62
C LEU B 317 25.09 -4.42 15.35
N ARG B 318 26.04 -5.34 15.42
CA ARG B 318 26.39 -6.23 14.32
C ARG B 318 25.23 -7.16 13.95
N GLU B 319 24.56 -7.70 14.96
CA GLU B 319 23.44 -8.61 14.73
C GLU B 319 22.27 -7.88 14.03
N LEU B 320 22.02 -6.65 14.48
CA LEU B 320 20.93 -5.83 13.98
C LEU B 320 21.28 -4.84 12.86
N LYS B 321 22.53 -4.82 12.42
CA LYS B 321 22.98 -3.92 11.34
C LYS B 321 22.83 -2.44 11.68
N ILE B 322 22.89 -2.11 12.97
CA ILE B 322 22.78 -0.73 13.42
C ILE B 322 24.14 -0.04 13.28
N LEU B 323 24.10 1.22 12.84
CA LEU B 323 25.32 2.00 12.64
C LEU B 323 25.54 2.99 13.79
N ALA B 324 26.74 3.53 13.84
CA ALA B 324 27.11 4.50 14.85
C ALA B 324 28.05 5.53 14.26
N ASP B 325 28.13 6.68 14.94
CA ASP B 325 29.03 7.74 14.53
C ASP B 325 29.31 8.56 15.77
N ARG B 326 30.51 9.13 15.82
CA ARG B 326 30.92 9.94 16.95
C ARG B 326 31.51 11.26 16.49
N ASP B 327 31.17 12.33 17.21
CA ASP B 327 31.69 13.65 16.92
C ASP B 327 32.27 14.20 18.22
N GLU B 328 32.68 15.46 18.24
CA GLU B 328 33.24 16.04 19.46
C GLU B 328 32.23 16.29 20.61
N ASP B 329 30.94 16.20 20.30
CA ASP B 329 29.88 16.39 21.31
C ASP B 329 29.31 15.09 21.85
N GLY B 330 29.61 13.98 21.19
CA GLY B 330 29.10 12.69 21.64
C GLY B 330 28.96 11.70 20.50
N TYR B 331 27.93 10.85 20.56
CA TYR B 331 27.71 9.87 19.49
C TYR B 331 26.23 9.72 19.13
N LEU B 332 25.98 8.84 18.17
CA LEU B 332 24.62 8.55 17.72
C LEU B 332 24.56 7.15 17.13
N LEU B 333 23.38 6.56 17.19
CA LEU B 333 23.14 5.23 16.63
C LEU B 333 22.09 5.46 15.56
N GLN B 334 22.28 4.90 14.38
CA GLN B 334 21.36 5.09 13.27
C GLN B 334 21.23 3.87 12.39
N ILE B 335 20.11 3.76 11.69
CA ILE B 335 19.86 2.67 10.76
C ILE B 335 18.83 3.15 9.75
N PHE B 336 19.01 2.72 8.51
CA PHE B 336 18.11 3.12 7.43
C PHE B 336 17.36 1.95 6.84
N THR B 337 16.08 2.19 6.54
CA THR B 337 15.23 1.18 5.93
C THR B 337 15.51 1.21 4.45
N LYS B 338 15.00 0.20 3.74
CA LYS B 338 15.15 0.14 2.29
C LYS B 338 14.01 1.05 1.82
N PRO B 339 13.98 1.44 0.53
CA PRO B 339 12.88 2.32 0.09
C PRO B 339 11.54 1.69 0.47
N VAL B 340 10.57 2.53 0.82
CA VAL B 340 9.26 2.02 1.19
C VAL B 340 8.30 1.89 0.01
N GLN B 341 8.83 2.10 -1.20
CA GLN B 341 8.08 1.94 -2.46
C GLN B 341 9.01 1.13 -3.33
N ASP B 342 8.64 0.95 -4.59
CA ASP B 342 9.45 0.20 -5.53
C ASP B 342 10.45 1.07 -6.24
N ARG B 343 10.13 2.36 -6.33
CA ARG B 343 11.05 3.31 -6.93
C ARG B 343 12.10 3.55 -5.86
N PRO B 344 13.40 3.60 -6.24
CA PRO B 344 14.45 3.83 -5.24
C PRO B 344 14.43 5.29 -4.85
N THR B 345 13.35 5.70 -4.18
CA THR B 345 13.17 7.08 -3.78
C THR B 345 13.17 7.32 -2.27
N VAL B 346 12.00 7.40 -1.64
CA VAL B 346 11.99 7.67 -0.20
C VAL B 346 12.17 6.47 0.72
N PHE B 347 12.87 6.72 1.82
CA PHE B 347 13.17 5.71 2.84
C PHE B 347 13.15 6.40 4.20
N PHE B 348 13.38 5.65 5.26
CA PHE B 348 13.39 6.23 6.61
C PHE B 348 14.64 5.93 7.40
N GLU B 349 14.81 6.68 8.47
CA GLU B 349 15.95 6.52 9.34
C GLU B 349 15.48 6.55 10.77
N ILE B 350 16.01 5.65 11.59
CA ILE B 350 15.69 5.56 13.01
C ILE B 350 16.97 6.06 13.67
N ILE B 351 16.86 7.03 14.56
CA ILE B 351 18.04 7.60 15.20
C ILE B 351 17.96 7.80 16.71
N GLU B 352 19.00 7.37 17.41
CA GLU B 352 19.10 7.51 18.86
C GLU B 352 20.34 8.36 19.15
N ARG B 353 20.11 9.61 19.56
CA ARG B 353 21.20 10.53 19.86
C ARG B 353 21.71 10.45 21.30
N HIS B 354 23.03 10.61 21.44
CA HIS B 354 23.70 10.60 22.72
C HIS B 354 24.78 11.67 22.67
N GLY B 355 24.35 12.93 22.58
CA GLY B 355 25.27 14.04 22.52
C GLY B 355 25.59 14.56 21.14
N SER B 356 25.78 13.66 20.18
CA SER B 356 26.08 14.06 18.82
C SER B 356 24.92 14.84 18.21
N MET B 357 25.28 15.87 17.44
CA MET B 357 24.32 16.72 16.77
C MET B 357 24.50 16.56 15.26
N GLY B 358 25.24 15.51 14.89
CA GLY B 358 25.50 15.25 13.49
C GLY B 358 24.45 14.38 12.83
N PHE B 359 24.74 13.95 11.61
CA PHE B 359 23.81 13.13 10.85
C PHE B 359 24.39 11.80 10.36
N GLY B 360 25.57 11.47 10.83
CA GLY B 360 26.21 10.21 10.44
C GLY B 360 27.22 10.31 9.33
N LYS B 361 27.72 11.52 9.09
CA LYS B 361 28.72 11.81 8.07
C LYS B 361 29.91 10.85 8.07
N GLY B 362 30.30 10.38 9.26
CA GLY B 362 31.43 9.48 9.37
C GLY B 362 31.25 8.08 8.80
N ASN B 363 30.00 7.68 8.61
CA ASN B 363 29.71 6.36 8.07
C ASN B 363 29.94 6.21 6.58
N PHE B 364 29.97 7.32 5.84
CA PHE B 364 30.22 7.26 4.41
C PHE B 364 31.59 6.62 4.18
N LYS B 365 32.58 7.12 4.89
CA LYS B 365 33.93 6.59 4.78
C LYS B 365 34.05 5.22 5.41
N ALA B 366 33.47 5.06 6.60
CA ALA B 366 33.51 3.80 7.32
C ALA B 366 32.91 2.65 6.52
N LEU B 367 31.76 2.89 5.91
CA LEU B 367 31.10 1.86 5.09
C LEU B 367 31.87 1.61 3.81
N PHE B 368 32.45 2.67 3.22
CA PHE B 368 33.23 2.53 2.00
C PHE B 368 34.42 1.61 2.28
N GLU B 369 35.21 1.98 3.28
CA GLU B 369 36.38 1.19 3.67
C GLU B 369 35.98 -0.23 4.15
N ALA B 370 34.78 -0.33 4.73
CA ALA B 370 34.23 -1.59 5.22
C ALA B 370 33.88 -2.52 4.07
N ILE B 371 33.37 -1.94 2.97
CA ILE B 371 33.01 -2.72 1.80
C ILE B 371 34.30 -3.17 1.10
N GLU B 372 35.26 -2.25 1.01
CA GLU B 372 36.53 -2.51 0.36
C GLU B 372 37.26 -3.73 0.94
N ARG B 373 37.03 -4.03 2.22
CA ARG B 373 37.69 -5.20 2.79
C ARG B 373 36.84 -6.47 2.79
N GLU B 374 35.56 -6.36 2.49
CA GLU B 374 34.72 -7.55 2.38
C GLU B 374 35.17 -8.13 1.04
N GLN B 375 35.53 -7.22 0.13
CA GLN B 375 35.98 -7.53 -1.22
C GLN B 375 37.39 -8.12 -1.35
N GLU B 376 38.03 -8.39 -0.23
CA GLU B 376 39.35 -8.99 -0.25
C GLU B 376 39.20 -10.40 0.34
N LYS B 377 38.16 -10.57 1.14
CA LYS B 377 37.85 -11.84 1.80
C LYS B 377 37.00 -12.78 0.94
FE FE2 C . -19.12 -14.32 -3.77
O1 NTD D . -23.82 -11.43 -4.72
C5 NTD D . -23.24 -12.23 -5.44
C2 NTD D . -23.80 -12.50 -6.84
C3 NTD D . -23.36 -13.87 -7.33
C4 NTD D . -21.84 -14.01 -7.23
C1 NTD D . -21.39 -13.69 -5.79
O5 NTD D . -20.35 -14.22 -5.39
C6 NTD D . -22.09 -12.85 -4.95
C7 NTD D . -21.63 -12.60 -3.52
O7 NTD D . -20.37 -12.96 -3.14
C8 NTD D . -22.55 -11.94 -2.48
C13 NTD D . -23.59 -12.69 -1.94
C12 NTD D . -24.36 -12.17 -0.91
C11 NTD D . -24.08 -10.91 -0.40
C14 NTD D . -24.89 -10.34 0.77
F2 NTD D . -24.40 -10.82 1.92
F3 NTD D . -24.82 -9.01 0.80
F1 NTD D . -26.17 -10.69 0.65
C10 NTD D . -23.04 -10.16 -0.95
C9 NTD D . -22.28 -10.68 -1.98
N NTD D . -21.32 -9.93 -2.52
ON2 NTD D . -20.57 -10.39 -3.63
ON1 NTD D . -21.05 -8.64 -1.98
FE FE2 E . 19.70 11.53 8.36
O1 NTD F . 23.58 11.64 4.34
C5 NTD F . 23.03 12.55 4.95
C2 NTD F . 23.38 14.00 4.59
C3 NTD F . 23.07 14.94 5.76
C4 NTD F . 21.64 14.73 6.24
C1 NTD F . 21.40 13.25 6.55
O5 NTD F . 20.54 12.97 7.38
C6 NTD F . 22.11 12.22 5.94
C7 NTD F . 21.89 10.76 6.35
O7 NTD F . 20.76 10.43 7.00
C8 NTD F . 22.94 9.69 6.05
C13 NTD F . 24.14 9.70 6.73
C12 NTD F . 25.05 8.66 6.59
C11 NTD F . 24.76 7.58 5.77
C14 NTD F . 25.71 6.38 5.65
F2 NTD F . 26.98 6.79 5.71
F3 NTD F . 25.49 5.55 6.66
F1 NTD F . 25.53 5.74 4.51
C10 NTD F . 23.55 7.58 5.07
C9 NTD F . 22.64 8.62 5.21
N NTD F . 21.51 8.56 4.52
ON2 NTD F . 20.55 9.61 4.61
ON1 NTD F . 21.25 7.45 3.68
#